data_6EDI
#
_entry.id   6EDI
#
_cell.length_a   68.477
_cell.length_b   63.261
_cell.length_c   85.570
_cell.angle_alpha   90.000
_cell.angle_beta   107.810
_cell.angle_gamma   90.000
#
_symmetry.space_group_name_H-M   'P 1 21 1'
#
loop_
_entity.id
_entity.type
_entity.pdbx_description
1 polymer Glucokinase
2 water water
#
_entity_poly.entity_id   1
_entity_poly.type   'polypeptide(L)'
_entity_poly.pdbx_seq_one_letter_code
;MGRGSHHHHHHGMAMVQTKEIALEQLALTLTGDASWSSGPIYVVCDVGGTSARVGFSQASQHDRSGLHIIYVRFKVTKSD
IRQLLEFFDEVLQHLKKNLPDHGASFLRRVASGAVSVPGPVTNGQLAGPFNNLKGIARLVDYPVELFPKGRSALLNDLEA
GAYGVLALSNAGILSDYFKVMWKGTQWDALSEGKPAGSTIGRGRCMVVAPGTGVGSSLIHYVGVSDSYIVLALECGSLSM
SWCANEDSKYVQALAGYMASKAHAKGLDSTVAPIWEAASNGAGLEFNYAYAKEGQKASAPLKSAPEVAKLAKSGSDTAAI
AAVDRLYKNLIGLTAETTMQFLPLTCVLMGDNVVANSFYFEKPENVKRLQARLHEHAMERQFKFLSRTTFLRQVSSVNIN
LLGCLGFGSQLS
;
_entity_poly.pdbx_strand_id   A,B
#
# COMPACT_ATOMS: atom_id res chain seq x y z
N MET A 15 1.11 -23.07 21.32
CA MET A 15 1.27 -21.64 21.52
C MET A 15 2.68 -21.17 21.17
N VAL A 16 2.97 -19.91 21.47
CA VAL A 16 4.29 -19.35 21.21
C VAL A 16 5.18 -19.51 22.44
N GLN A 17 6.26 -20.27 22.32
CA GLN A 17 7.18 -20.37 23.46
C GLN A 17 8.44 -19.61 23.17
N THR A 18 8.79 -18.72 24.09
CA THR A 18 9.94 -17.86 23.91
C THR A 18 10.85 -17.95 25.14
N LYS A 19 12.12 -18.30 24.92
CA LYS A 19 13.09 -18.37 25.99
C LYS A 19 14.24 -17.42 25.71
N GLU A 20 14.52 -16.53 26.66
CA GLU A 20 15.72 -15.72 26.57
C GLU A 20 16.81 -16.48 27.29
N ILE A 21 17.99 -16.58 26.68
CA ILE A 21 19.11 -17.31 27.26
C ILE A 21 20.39 -16.50 27.21
N ALA A 22 21.31 -16.80 28.12
CA ALA A 22 22.64 -16.20 28.03
C ALA A 22 23.33 -16.72 26.79
N LEU A 23 24.18 -15.91 26.17
CA LEU A 23 24.91 -16.36 24.98
C LEU A 23 25.68 -17.66 25.22
N GLU A 24 26.25 -17.80 26.42
CA GLU A 24 27.02 -18.99 26.76
C GLU A 24 26.13 -20.24 26.75
N GLN A 25 24.83 -20.07 26.97
CA GLN A 25 23.89 -21.19 27.06
C GLN A 25 23.28 -21.56 25.71
N LEU A 26 23.70 -20.92 24.62
CA LEU A 26 23.07 -21.13 23.31
C LEU A 26 23.13 -22.58 22.81
N ALA A 27 24.34 -23.11 22.63
CA ALA A 27 24.46 -24.46 22.08
C ALA A 27 23.79 -25.47 23.00
N LEU A 28 23.99 -25.26 24.30
CA LEU A 28 23.35 -26.04 25.35
C LEU A 28 21.82 -26.10 25.17
N THR A 29 21.24 -24.98 24.78
CA THR A 29 19.81 -24.85 24.59
C THR A 29 19.42 -25.51 23.27
N LEU A 30 20.21 -25.30 22.24
CA LEU A 30 19.97 -25.93 20.95
C LEU A 30 20.08 -27.46 21.01
N THR A 31 21.11 -27.96 21.69
CA THR A 31 21.31 -29.40 21.83
C THR A 31 20.34 -30.01 22.82
N GLY A 32 19.85 -29.20 23.75
CA GLY A 32 18.98 -29.67 24.81
C GLY A 32 17.55 -30.01 24.43
N ASP A 33 17.08 -29.45 23.31
CA ASP A 33 15.72 -29.67 22.83
C ASP A 33 15.80 -30.10 21.37
N ALA A 34 15.49 -31.37 21.11
CA ALA A 34 15.66 -31.99 19.79
C ALA A 34 14.85 -31.31 18.68
N SER A 35 13.80 -30.58 19.04
CA SER A 35 13.05 -29.83 18.04
C SER A 35 13.99 -29.02 17.16
N TRP A 36 14.99 -28.41 17.78
CA TRP A 36 16.02 -27.67 17.07
C TRP A 36 16.83 -28.51 16.08
N SER A 37 16.87 -29.83 16.28
CA SER A 37 17.68 -30.71 15.42
C SER A 37 17.12 -30.86 14.00
N SER A 38 15.85 -30.52 13.80
CA SER A 38 15.27 -30.68 12.47
C SER A 38 14.37 -29.51 12.03
N GLY A 39 14.12 -29.43 10.73
CA GLY A 39 13.28 -28.38 10.17
C GLY A 39 14.04 -27.12 9.82
N PRO A 40 13.38 -26.22 9.07
CA PRO A 40 14.00 -24.94 8.69
C PRO A 40 14.27 -24.13 9.95
N ILE A 41 15.31 -23.31 9.91
CA ILE A 41 15.58 -22.40 11.00
C ILE A 41 15.48 -20.97 10.48
N TYR A 42 14.71 -20.13 11.18
CA TYR A 42 14.56 -18.73 10.80
C TYR A 42 15.31 -17.85 11.83
N VAL A 43 16.31 -17.11 11.34
CA VAL A 43 17.12 -16.25 12.20
C VAL A 43 16.32 -14.98 12.48
N VAL A 44 16.25 -14.61 13.76
CA VAL A 44 15.44 -13.49 14.19
C VAL A 44 16.30 -12.52 14.98
N CYS A 45 15.96 -11.26 14.86
CA CYS A 45 16.70 -10.19 15.53
C CYS A 45 15.80 -8.96 15.56
N ASP A 46 15.77 -8.29 16.71
CA ASP A 46 15.02 -7.05 16.83
C ASP A 46 15.87 -6.08 17.64
N VAL A 47 15.86 -4.82 17.23
CA VAL A 47 16.57 -3.76 17.95
C VAL A 47 15.57 -2.78 18.57
N GLY A 48 15.77 -2.43 19.83
CA GLY A 48 14.93 -1.43 20.51
C GLY A 48 15.54 -1.00 21.83
N GLY A 49 15.74 0.30 22.00
CA GLY A 49 16.43 0.79 23.18
C GLY A 49 17.92 0.50 23.12
N THR A 50 18.44 -0.13 24.16
CA THR A 50 19.85 -0.51 24.21
C THR A 50 20.01 -1.99 23.95
N SER A 51 18.97 -2.58 23.38
CA SER A 51 18.83 -4.02 23.42
C SER A 51 18.62 -4.63 22.05
N ALA A 52 19.51 -5.55 21.69
CA ALA A 52 19.41 -6.25 20.42
C ALA A 52 19.22 -7.73 20.71
N ARG A 53 18.01 -8.24 20.55
CA ARG A 53 17.80 -9.65 20.78
C ARG A 53 18.11 -10.38 19.49
N VAL A 54 18.96 -11.40 19.56
CA VAL A 54 19.36 -12.15 18.37
C VAL A 54 19.10 -13.63 18.64
N GLY A 55 18.42 -14.31 17.73
CA GLY A 55 18.18 -15.72 17.98
C GLY A 55 17.61 -16.49 16.79
N PHE A 56 16.86 -17.53 17.10
CA PHE A 56 16.43 -18.50 16.11
C PHE A 56 14.99 -18.88 16.38
N SER A 57 14.24 -19.15 15.32
CA SER A 57 12.85 -19.54 15.46
C SER A 57 12.56 -20.73 14.56
N GLN A 58 11.54 -21.49 14.92
CA GLN A 58 11.08 -22.56 14.04
C GLN A 58 9.62 -22.81 14.36
N ALA A 59 8.92 -23.49 13.45
CA ALA A 59 7.57 -23.95 13.73
C ALA A 59 7.58 -25.41 14.19
N SER A 60 6.43 -26.08 13.99
CA SER A 60 6.26 -27.51 14.20
C SER A 60 4.91 -27.85 13.57
N GLN A 61 4.83 -28.92 12.78
CA GLN A 61 3.63 -29.17 11.95
C GLN A 61 2.39 -29.67 12.71
N HIS A 62 1.43 -28.75 12.90
CA HIS A 62 0.10 -29.08 13.39
C HIS A 62 -0.90 -28.10 12.77
N ASP A 63 -2.12 -28.04 13.31
CA ASP A 63 -3.02 -26.91 13.05
C ASP A 63 -3.04 -26.05 14.32
N ARG A 64 -2.22 -26.49 15.27
CA ARG A 64 -1.81 -25.68 16.40
C ARG A 64 -0.28 -25.73 16.34
N SER A 65 0.29 -24.98 15.40
CA SER A 65 1.69 -25.15 15.01
C SER A 65 2.71 -25.15 16.14
N GLY A 66 2.49 -24.32 17.15
CA GLY A 66 3.52 -24.10 18.14
C GLY A 66 4.68 -23.40 17.48
N LEU A 67 5.01 -22.21 17.95
CA LEU A 67 6.13 -21.49 17.40
C LEU A 67 7.12 -21.38 18.54
N HIS A 68 8.40 -21.60 18.27
CA HIS A 68 9.42 -21.51 19.30
C HIS A 68 10.47 -20.46 18.92
N ILE A 69 10.89 -19.67 19.90
CA ILE A 69 11.97 -18.72 19.70
C ILE A 69 12.95 -18.84 20.85
N ILE A 70 14.23 -18.78 20.53
CA ILE A 70 15.27 -18.66 21.52
C ILE A 70 16.09 -17.44 21.15
N TYR A 71 16.38 -16.56 22.10
CA TYR A 71 17.21 -15.40 21.77
C TYR A 71 18.15 -15.04 22.89
N VAL A 72 19.26 -14.41 22.52
CA VAL A 72 20.20 -13.83 23.47
C VAL A 72 19.99 -12.32 23.43
N ARG A 73 19.90 -11.69 24.59
CA ARG A 73 19.79 -10.25 24.61
C ARG A 73 21.18 -9.66 24.68
N PHE A 74 21.58 -8.95 23.63
CA PHE A 74 22.85 -8.24 23.61
C PHE A 74 22.58 -6.80 23.98
N LYS A 75 23.60 -6.11 24.48
CA LYS A 75 23.44 -4.71 24.85
C LYS A 75 24.21 -3.83 23.91
N VAL A 76 23.51 -2.86 23.30
CA VAL A 76 24.14 -1.87 22.44
C VAL A 76 24.87 -0.84 23.31
N THR A 77 26.11 -1.15 23.64
CA THR A 77 26.86 -0.37 24.61
C THR A 77 27.47 0.89 24.00
N LYS A 78 27.57 0.92 22.68
CA LYS A 78 28.15 2.05 21.96
C LYS A 78 27.07 2.94 21.35
N SER A 79 25.81 2.62 21.63
CA SER A 79 24.67 3.33 21.05
C SER A 79 24.82 3.43 19.53
N ASP A 80 25.18 2.30 18.92
CA ASP A 80 25.61 2.26 17.52
C ASP A 80 25.06 0.99 16.85
N ILE A 81 24.31 1.17 15.76
CA ILE A 81 23.65 0.06 15.07
C ILE A 81 24.62 -0.95 14.46
N ARG A 82 25.84 -0.49 14.16
CA ARG A 82 26.85 -1.35 13.55
C ARG A 82 27.36 -2.38 14.55
N GLN A 83 27.05 -2.18 15.83
CA GLN A 83 27.38 -3.17 16.85
C GLN A 83 26.64 -4.50 16.64
N LEU A 84 25.61 -4.51 15.80
CA LEU A 84 24.95 -5.76 15.46
C LEU A 84 25.97 -6.76 14.90
N LEU A 85 26.96 -6.25 14.16
CA LEU A 85 27.99 -7.11 13.54
C LEU A 85 28.77 -7.89 14.59
N GLU A 86 29.14 -7.22 15.66
CA GLU A 86 29.81 -7.88 16.77
C GLU A 86 28.93 -9.00 17.29
N PHE A 87 27.64 -8.69 17.47
CA PHE A 87 26.71 -9.64 18.05
C PHE A 87 26.55 -10.87 17.17
N PHE A 88 26.36 -10.67 15.88
CA PHE A 88 26.21 -11.79 14.96
C PHE A 88 27.46 -12.67 14.98
N ASP A 89 28.62 -12.03 15.03
CA ASP A 89 29.87 -12.78 15.12
C ASP A 89 29.99 -13.56 16.44
N GLU A 90 29.62 -12.95 17.57
CA GLU A 90 29.63 -13.67 18.85
C GLU A 90 28.70 -14.89 18.84
N VAL A 91 27.57 -14.79 18.14
CA VAL A 91 26.64 -15.90 18.05
C VAL A 91 27.25 -16.99 17.18
N LEU A 92 27.82 -16.56 16.06
CA LEU A 92 28.40 -17.45 15.09
C LEU A 92 29.64 -18.16 15.65
N GLN A 93 30.56 -17.40 16.25
CA GLN A 93 31.75 -18.00 16.87
C GLN A 93 31.36 -18.94 18.02
N HIS A 94 30.26 -18.64 18.71
CA HIS A 94 29.81 -19.51 19.80
C HIS A 94 29.29 -20.83 19.27
N LEU A 95 28.56 -20.79 18.15
CA LEU A 95 28.04 -21.99 17.54
C LEU A 95 29.15 -22.91 17.02
N LYS A 96 30.18 -22.33 16.43
CA LYS A 96 31.30 -23.12 15.90
C LYS A 96 32.17 -23.67 17.04
N LYS A 97 32.19 -22.95 18.16
CA LYS A 97 33.00 -23.33 19.31
C LYS A 97 32.30 -24.29 20.27
N ASN A 98 30.97 -24.20 20.33
CA ASN A 98 30.21 -25.03 21.27
C ASN A 98 29.27 -26.05 20.64
N LEU A 99 29.36 -26.23 19.32
CA LEU A 99 28.65 -27.34 18.66
C LEU A 99 29.66 -28.34 18.14
N PRO A 100 29.34 -29.63 18.25
CA PRO A 100 30.30 -30.71 17.91
C PRO A 100 30.76 -30.67 16.45
N ASP A 101 29.85 -30.32 15.53
CA ASP A 101 30.19 -30.21 14.12
C ASP A 101 30.39 -28.75 13.69
N HIS A 102 30.81 -27.92 14.65
CA HIS A 102 30.97 -26.48 14.42
C HIS A 102 29.64 -25.83 13.98
N GLY A 103 28.53 -26.43 14.39
CA GLY A 103 27.23 -25.92 14.01
C GLY A 103 26.96 -26.08 12.53
N ALA A 104 27.57 -27.07 11.91
CA ALA A 104 27.35 -27.34 10.49
C ALA A 104 25.92 -27.80 10.20
N SER A 105 25.46 -28.81 10.94
CA SER A 105 24.11 -29.35 10.69
C SER A 105 23.02 -28.32 10.98
N PHE A 106 23.31 -27.37 11.88
CA PHE A 106 22.37 -26.32 12.22
C PHE A 106 22.27 -25.25 11.13
N LEU A 107 23.42 -24.66 10.79
CA LEU A 107 23.46 -23.52 9.89
C LEU A 107 22.98 -23.87 8.48
N ARG A 108 23.09 -25.14 8.10
CA ARG A 108 22.63 -25.51 6.76
C ARG A 108 21.12 -25.45 6.64
N ARG A 109 20.43 -25.41 7.77
CA ARG A 109 18.97 -25.35 7.76
C ARG A 109 18.43 -23.93 7.92
N VAL A 110 19.34 -22.95 7.96
CA VAL A 110 18.93 -21.54 8.07
C VAL A 110 18.21 -21.15 6.79
N ALA A 111 16.91 -20.89 6.91
CA ALA A 111 16.08 -20.62 5.75
C ALA A 111 15.96 -19.13 5.43
N SER A 112 16.29 -18.29 6.42
CA SER A 112 16.20 -16.85 6.27
C SER A 112 16.76 -16.16 7.49
N GLY A 113 17.04 -14.87 7.33
CA GLY A 113 17.44 -14.03 8.44
C GLY A 113 16.78 -12.68 8.27
N ALA A 114 16.41 -12.07 9.39
CA ALA A 114 15.73 -10.78 9.34
C ALA A 114 16.07 -9.95 10.56
N VAL A 115 16.12 -8.63 10.38
CA VAL A 115 16.33 -7.73 11.50
C VAL A 115 15.26 -6.66 11.52
N SER A 116 14.47 -6.65 12.59
CA SER A 116 13.48 -5.60 12.84
C SER A 116 14.20 -4.45 13.52
N VAL A 117 14.11 -3.27 12.94
CA VAL A 117 14.77 -2.09 13.49
C VAL A 117 13.77 -0.95 13.66
N PRO A 118 13.97 -0.15 14.73
CA PRO A 118 13.08 0.98 15.02
C PRO A 118 13.61 2.24 14.33
N GLY A 119 13.56 2.25 13.02
CA GLY A 119 13.98 3.40 12.26
C GLY A 119 13.60 3.16 10.82
N PRO A 120 13.95 4.11 9.94
CA PRO A 120 13.58 3.95 8.53
C PRO A 120 14.43 2.87 7.87
N VAL A 121 13.85 2.18 6.89
CA VAL A 121 14.50 1.08 6.19
C VAL A 121 14.39 1.34 4.71
N THR A 122 15.48 1.16 3.97
CA THR A 122 15.47 1.37 2.52
C THR A 122 15.55 0.06 1.77
N ASN A 123 14.48 -0.29 1.06
CA ASN A 123 14.43 -1.49 0.23
C ASN A 123 14.80 -2.78 1.00
N GLY A 124 14.62 -2.75 2.32
CA GLY A 124 14.96 -3.86 3.17
C GLY A 124 16.44 -4.17 3.22
N GLN A 125 17.28 -3.24 2.77
CA GLN A 125 18.69 -3.50 2.56
C GLN A 125 19.58 -2.58 3.40
N LEU A 126 18.98 -1.49 3.87
CA LEU A 126 19.72 -0.45 4.54
C LEU A 126 18.75 0.20 5.51
N ALA A 127 19.16 0.32 6.78
CA ALA A 127 18.30 0.98 7.75
C ALA A 127 18.94 2.31 8.11
N GLY A 128 18.26 3.40 7.74
CA GLY A 128 18.85 4.73 7.68
C GLY A 128 19.12 5.31 9.03
N PRO A 129 19.44 6.63 9.10
CA PRO A 129 19.79 7.19 10.39
C PRO A 129 18.69 6.97 11.40
N PHE A 130 19.11 6.68 12.62
CA PHE A 130 18.21 6.56 13.74
C PHE A 130 18.42 7.81 14.57
N ASN A 131 17.41 8.22 15.33
CA ASN A 131 17.54 9.44 16.11
C ASN A 131 18.39 9.25 17.37
N ASN A 132 18.38 8.04 17.93
CA ASN A 132 19.12 7.78 19.18
C ASN A 132 20.28 6.75 19.09
N LEU A 133 20.53 6.26 17.88
CA LEU A 133 21.66 5.37 17.65
C LEU A 133 22.52 5.95 16.54
N LYS A 134 23.78 5.55 16.54
CA LYS A 134 24.72 5.95 15.50
C LYS A 134 24.74 4.93 14.36
N GLY A 135 25.15 5.37 13.18
CA GLY A 135 25.49 4.43 12.12
C GLY A 135 24.35 4.04 11.20
N ILE A 136 24.70 3.31 10.16
CA ILE A 136 23.73 2.77 9.22
C ILE A 136 23.79 1.25 9.26
N ALA A 137 22.63 0.61 9.32
CA ALA A 137 22.56 -0.85 9.18
C ALA A 137 22.58 -1.17 7.71
N ARG A 138 23.56 -1.96 7.29
CA ARG A 138 23.61 -2.42 5.90
C ARG A 138 23.54 -3.94 5.90
N LEU A 139 22.46 -4.47 5.30
CA LEU A 139 22.23 -5.91 5.28
C LEU A 139 23.41 -6.69 4.68
N VAL A 140 24.01 -6.11 3.65
CA VAL A 140 25.12 -6.75 2.95
C VAL A 140 26.34 -7.00 3.87
N ASP A 141 26.49 -6.22 4.93
CA ASP A 141 27.62 -6.41 5.85
C ASP A 141 27.42 -7.58 6.82
N TYR A 142 26.22 -8.16 6.80
CA TYR A 142 25.85 -9.16 7.80
C TYR A 142 26.33 -10.55 7.41
N PRO A 143 26.65 -11.39 8.42
CA PRO A 143 27.09 -12.78 8.28
C PRO A 143 26.16 -13.61 7.41
N VAL A 144 26.66 -14.09 6.28
CA VAL A 144 25.85 -14.85 5.35
C VAL A 144 25.29 -16.13 5.95
N GLU A 145 26.00 -16.69 6.93
CA GLU A 145 25.54 -17.89 7.59
C GLU A 145 24.29 -17.62 8.42
N LEU A 146 24.13 -16.38 8.89
CA LEU A 146 22.91 -16.02 9.62
C LEU A 146 21.92 -15.33 8.70
N PHE A 147 22.43 -14.72 7.64
CA PHE A 147 21.56 -13.99 6.72
C PHE A 147 21.84 -14.40 5.28
N PRO A 148 21.20 -15.51 4.84
CA PRO A 148 21.51 -16.10 3.53
C PRO A 148 21.22 -15.13 2.40
N LYS A 149 22.09 -15.16 1.40
CA LYS A 149 21.95 -14.34 0.21
C LYS A 149 20.57 -14.55 -0.38
N GLY A 150 19.89 -13.46 -0.70
CA GLY A 150 18.59 -13.54 -1.36
C GLY A 150 17.47 -14.06 -0.48
N ARG A 151 17.74 -14.19 0.81
CA ARG A 151 16.76 -14.71 1.75
C ARG A 151 16.75 -13.90 3.04
N SER A 152 17.12 -12.61 2.93
CA SER A 152 17.33 -11.78 4.10
C SER A 152 16.88 -10.33 3.91
N ALA A 153 16.45 -9.69 4.99
CA ALA A 153 15.96 -8.32 4.87
C ALA A 153 16.03 -7.61 6.20
N LEU A 154 16.22 -6.30 6.14
CA LEU A 154 15.92 -5.45 7.28
C LEU A 154 14.44 -5.15 7.22
N LEU A 155 13.79 -5.19 8.38
CA LEU A 155 12.37 -4.90 8.45
C LEU A 155 12.12 -3.70 9.36
N ASN A 156 11.19 -2.85 8.95
CA ASN A 156 10.61 -1.86 9.85
C ASN A 156 9.93 -2.57 10.98
N ASP A 157 9.87 -1.93 12.14
CA ASP A 157 9.20 -2.48 13.32
C ASP A 157 7.78 -2.98 12.99
N LEU A 158 6.98 -2.16 12.32
CA LEU A 158 5.59 -2.55 12.02
C LEU A 158 5.50 -3.56 10.87
N GLU A 159 6.50 -3.59 10.02
CA GLU A 159 6.56 -4.60 8.95
C GLU A 159 6.79 -5.95 9.61
N ALA A 160 7.76 -6.00 10.51
CA ALA A 160 8.03 -7.22 11.24
C ALA A 160 6.82 -7.64 12.08
N GLY A 161 6.12 -6.68 12.66
CA GLY A 161 4.94 -7.00 13.48
C GLY A 161 3.83 -7.66 12.68
N ALA A 162 3.62 -7.12 11.48
CA ALA A 162 2.65 -7.69 10.54
C ALA A 162 3.04 -9.11 10.15
N TYR A 163 4.32 -9.34 9.87
CA TYR A 163 4.75 -10.73 9.61
C TYR A 163 4.47 -11.64 10.81
N GLY A 164 4.53 -11.06 12.02
CA GLY A 164 4.24 -11.83 13.21
C GLY A 164 2.78 -12.25 13.26
N VAL A 165 1.90 -11.35 12.84
CA VAL A 165 0.48 -11.63 12.79
C VAL A 165 0.24 -12.78 11.81
N LEU A 166 0.90 -12.68 10.65
CA LEU A 166 0.78 -13.72 9.64
C LEU A 166 1.30 -15.05 10.19
N ALA A 167 2.42 -14.99 10.90
CA ALA A 167 3.02 -16.19 11.48
C ALA A 167 2.03 -16.85 12.41
N LEU A 168 1.42 -16.06 13.29
CA LEU A 168 0.45 -16.58 14.24
C LEU A 168 -0.74 -17.19 13.51
N SER A 169 -1.15 -16.54 12.44
CA SER A 169 -2.28 -16.99 11.64
C SER A 169 -1.99 -18.36 10.99
N ASN A 170 -0.87 -18.46 10.29
CA ASN A 170 -0.49 -19.71 9.62
C ASN A 170 -0.30 -20.83 10.62
N ALA A 171 0.04 -20.45 11.85
CA ALA A 171 0.22 -21.43 12.91
C ALA A 171 -1.11 -21.95 13.46
N GLY A 172 -2.21 -21.30 13.12
CA GLY A 172 -3.53 -21.72 13.58
C GLY A 172 -3.83 -21.18 14.97
N ILE A 173 -3.04 -20.21 15.40
CA ILE A 173 -3.04 -19.74 16.78
C ILE A 173 -3.50 -18.29 16.93
N LEU A 174 -4.03 -17.73 15.85
CA LEU A 174 -4.45 -16.32 15.86
C LEU A 174 -5.43 -16.00 16.98
N SER A 175 -6.42 -16.86 17.21
CA SER A 175 -7.46 -16.57 18.19
C SER A 175 -6.95 -16.50 19.64
N ASP A 176 -5.79 -17.11 19.91
CA ASP A 176 -5.24 -17.01 21.27
C ASP A 176 -4.66 -15.62 21.55
N TYR A 177 -4.36 -14.86 20.50
CA TYR A 177 -3.66 -13.59 20.65
C TYR A 177 -4.50 -12.39 20.22
N PHE A 178 -5.55 -12.67 19.45
CA PHE A 178 -6.38 -11.63 18.88
C PHE A 178 -7.86 -11.99 19.05
N LYS A 179 -8.69 -10.97 19.21
CA LYS A 179 -10.14 -11.17 19.38
C LYS A 179 -10.87 -10.35 18.33
N VAL A 180 -12.05 -10.80 17.93
CA VAL A 180 -12.83 -10.10 16.93
C VAL A 180 -13.51 -8.90 17.53
N MET A 181 -13.29 -7.73 16.94
CA MET A 181 -14.08 -6.57 17.33
C MET A 181 -15.43 -6.64 16.63
N TRP A 182 -15.39 -6.85 15.31
CA TRP A 182 -16.59 -7.07 14.53
C TRP A 182 -16.29 -7.77 13.20
N LYS A 183 -17.24 -8.57 12.75
CA LYS A 183 -17.05 -9.37 11.57
C LYS A 183 -17.55 -8.55 10.38
N GLY A 184 -16.76 -8.50 9.32
CA GLY A 184 -17.16 -7.78 8.12
C GLY A 184 -18.09 -8.59 7.23
N THR A 185 -18.82 -7.88 6.37
CA THR A 185 -19.79 -8.53 5.49
C THR A 185 -19.16 -9.47 4.48
N GLN A 186 -17.88 -9.29 4.20
CA GLN A 186 -17.19 -10.03 3.16
C GLN A 186 -16.41 -11.22 3.70
N TRP A 187 -16.45 -11.42 5.01
CA TRP A 187 -15.67 -12.51 5.63
C TRP A 187 -16.06 -13.88 5.10
N ASP A 188 -17.35 -14.22 5.20
CA ASP A 188 -17.83 -15.56 4.82
C ASP A 188 -17.54 -15.90 3.37
N ALA A 189 -17.66 -14.91 2.50
CA ALA A 189 -17.45 -15.15 1.08
C ALA A 189 -16.00 -15.49 0.78
N LEU A 190 -15.08 -15.03 1.64
CA LEU A 190 -13.66 -15.21 1.39
C LEU A 190 -12.95 -16.12 2.39
N SER A 191 -13.69 -16.64 3.38
CA SER A 191 -13.05 -17.28 4.54
C SER A 191 -12.70 -18.74 4.32
N GLU A 192 -13.20 -19.32 3.24
CA GLU A 192 -13.03 -20.75 2.96
C GLU A 192 -13.59 -21.61 4.10
N GLY A 193 -14.67 -21.14 4.70
CA GLY A 193 -15.36 -21.90 5.73
C GLY A 193 -14.79 -21.71 7.13
N LYS A 194 -13.73 -20.92 7.24
CA LYS A 194 -13.10 -20.67 8.54
C LYS A 194 -13.76 -19.51 9.30
N PRO A 195 -13.81 -19.62 10.64
CA PRO A 195 -14.46 -18.61 11.49
C PRO A 195 -13.67 -17.31 11.55
N ALA A 196 -14.36 -16.18 11.67
CA ALA A 196 -13.69 -14.88 11.85
C ALA A 196 -12.76 -14.96 13.06
N GLY A 197 -11.53 -14.45 12.93
CA GLY A 197 -10.61 -14.40 14.05
C GLY A 197 -9.77 -15.65 14.16
N SER A 198 -10.09 -16.66 13.36
CA SER A 198 -9.35 -17.92 13.40
C SER A 198 -8.11 -17.83 12.55
N THR A 199 -8.12 -16.86 11.64
CA THR A 199 -7.06 -16.70 10.65
C THR A 199 -7.23 -15.30 10.11
N ILE A 200 -6.18 -14.71 9.52
CA ILE A 200 -6.40 -13.46 8.78
C ILE A 200 -7.05 -13.81 7.45
N GLY A 201 -6.84 -15.05 7.00
CA GLY A 201 -7.45 -15.51 5.76
C GLY A 201 -6.71 -15.07 4.52
N ARG A 202 -7.23 -15.44 3.35
CA ARG A 202 -6.61 -15.09 2.07
C ARG A 202 -7.10 -13.75 1.54
N GLY A 203 -6.54 -12.67 2.09
CA GLY A 203 -6.86 -11.32 1.68
C GLY A 203 -5.94 -10.35 2.38
N ARG A 204 -6.10 -9.07 2.11
CA ARG A 204 -5.25 -8.09 2.75
C ARG A 204 -5.59 -7.95 4.22
N CYS A 205 -4.54 -7.74 5.00
CA CYS A 205 -4.69 -7.39 6.40
C CYS A 205 -4.01 -6.04 6.64
N MET A 206 -4.79 -5.05 7.03
CA MET A 206 -4.23 -3.73 7.38
C MET A 206 -3.91 -3.71 8.87
N VAL A 207 -2.66 -3.39 9.19
CA VAL A 207 -2.20 -3.43 10.59
C VAL A 207 -1.88 -2.04 11.10
N VAL A 208 -2.51 -1.66 12.22
CA VAL A 208 -2.23 -0.39 12.88
C VAL A 208 -1.86 -0.67 14.34
N ALA A 209 -0.90 0.07 14.90
CA ALA A 209 -0.43 -0.17 16.27
C ALA A 209 -0.20 1.14 17.02
N PRO A 210 -1.17 1.53 17.84
CA PRO A 210 -0.96 2.80 18.55
C PRO A 210 -0.05 2.64 19.76
N GLY A 211 0.62 3.72 20.13
CA GLY A 211 1.54 3.75 21.26
C GLY A 211 2.12 5.14 21.37
N THR A 212 3.44 5.24 21.50
CA THR A 212 4.13 6.53 21.41
C THR A 212 3.80 7.21 20.08
N GLY A 213 3.95 6.46 19.00
CA GLY A 213 3.50 6.90 17.70
C GLY A 213 2.42 5.93 17.27
N VAL A 214 2.01 6.02 16.02
CA VAL A 214 1.05 5.05 15.50
C VAL A 214 1.68 4.39 14.30
N GLY A 215 2.11 3.14 14.49
CA GLY A 215 2.67 2.39 13.37
C GLY A 215 1.60 1.80 12.46
N SER A 216 2.01 1.50 11.23
CA SER A 216 1.11 0.88 10.26
C SER A 216 1.90 0.05 9.23
N SER A 217 1.22 -0.93 8.65
CA SER A 217 1.81 -1.80 7.64
C SER A 217 0.69 -2.62 7.01
N LEU A 218 0.96 -3.19 5.84
CA LEU A 218 -0.09 -3.93 5.16
C LEU A 218 0.43 -5.29 4.78
N ILE A 219 -0.30 -6.33 5.18
CA ILE A 219 -0.01 -7.66 4.69
C ILE A 219 -0.83 -7.80 3.42
N HIS A 220 -0.14 -7.83 2.29
CA HIS A 220 -0.84 -7.96 0.99
C HIS A 220 -0.86 -9.41 0.57
N TYR A 221 -2.04 -9.94 0.26
CA TYR A 221 -2.14 -11.32 -0.22
C TYR A 221 -2.01 -11.35 -1.73
N VAL A 222 -1.20 -12.29 -2.22
CA VAL A 222 -0.87 -12.41 -3.63
C VAL A 222 -1.42 -13.71 -4.21
N GLY A 223 -2.52 -13.62 -4.97
CA GLY A 223 -3.20 -14.81 -5.45
C GLY A 223 -2.37 -15.70 -6.38
N VAL A 224 -1.54 -15.08 -7.21
CA VAL A 224 -0.75 -15.79 -8.22
C VAL A 224 0.13 -16.85 -7.59
N SER A 225 0.79 -16.47 -6.49
CA SER A 225 1.76 -17.32 -5.82
C SER A 225 1.23 -17.88 -4.51
N ASP A 226 -0.02 -17.55 -4.20
CA ASP A 226 -0.65 -17.94 -2.92
C ASP A 226 0.28 -17.61 -1.76
N SER A 227 0.73 -16.36 -1.71
CA SER A 227 1.69 -15.97 -0.69
C SER A 227 1.36 -14.55 -0.27
N TYR A 228 2.02 -14.10 0.80
CA TYR A 228 1.78 -12.75 1.28
C TYR A 228 3.08 -11.93 1.25
N ILE A 229 2.95 -10.61 1.13
CA ILE A 229 4.12 -9.76 1.29
C ILE A 229 3.67 -8.58 2.15
N VAL A 230 4.53 -8.16 3.06
CA VAL A 230 4.19 -7.02 3.90
C VAL A 230 4.83 -5.75 3.36
N LEU A 231 4.06 -4.66 3.36
CA LEU A 231 4.58 -3.37 3.00
C LEU A 231 4.56 -2.53 4.26
N ALA A 232 5.72 -1.98 4.60
CA ALA A 232 5.88 -0.96 5.65
C ALA A 232 5.14 0.30 5.18
N LEU A 233 4.48 1.00 6.12
CA LEU A 233 3.68 2.18 5.77
C LEU A 233 3.86 3.34 6.76
N GLU A 234 3.39 4.52 6.37
CA GLU A 234 3.34 5.68 7.27
C GLU A 234 1.94 6.29 7.36
N CYS A 235 0.94 5.44 7.56
CA CYS A 235 -0.45 5.87 7.59
C CYS A 235 -0.78 6.75 8.81
N GLY A 236 -0.04 6.57 9.90
CA GLY A 236 -0.20 7.45 11.05
C GLY A 236 0.14 8.89 10.69
N SER A 237 0.89 9.06 9.60
CA SER A 237 1.37 10.39 9.19
C SER A 237 0.51 11.01 8.10
N LEU A 238 -0.60 10.34 7.79
CA LEU A 238 -1.62 10.90 6.93
C LEU A 238 -2.33 12.03 7.69
N SER A 239 -2.60 13.14 7.01
CA SER A 239 -3.37 14.24 7.60
C SER A 239 -4.75 13.78 8.07
N MET A 240 -5.23 14.32 9.19
CA MET A 240 -6.61 14.07 9.60
C MET A 240 -7.60 14.53 8.52
N SER A 241 -8.73 13.82 8.44
CA SER A 241 -9.75 14.06 7.44
C SER A 241 -10.49 15.36 7.73
N TRP A 242 -11.00 15.99 6.68
CA TRP A 242 -11.80 17.18 6.88
C TRP A 242 -13.08 16.85 7.67
N CYS A 243 -13.55 17.83 8.44
CA CYS A 243 -14.82 17.69 9.15
C CYS A 243 -15.29 19.08 9.57
N ALA A 244 -16.48 19.14 10.14
CA ALA A 244 -17.10 20.41 10.50
C ALA A 244 -17.44 20.43 11.97
N ASN A 245 -17.94 21.58 12.42
CA ASN A 245 -18.59 21.71 13.72
C ASN A 245 -17.70 21.28 14.91
N GLU A 246 -18.22 20.45 15.80
CA GLU A 246 -17.46 20.07 17.01
C GLU A 246 -16.21 19.23 16.71
N ASP A 247 -16.32 18.30 15.78
CA ASP A 247 -15.17 17.51 15.36
C ASP A 247 -14.08 18.42 14.80
N SER A 248 -14.47 19.39 13.97
CA SER A 248 -13.50 20.33 13.41
C SER A 248 -12.84 21.23 14.47
N LYS A 249 -13.60 21.61 15.50
CA LYS A 249 -13.04 22.40 16.58
C LYS A 249 -11.89 21.63 17.24
N TYR A 250 -12.08 20.32 17.38
CA TYR A 250 -11.04 19.47 17.95
C TYR A 250 -9.80 19.39 17.07
N VAL A 251 -9.99 19.16 15.77
CA VAL A 251 -8.85 19.09 14.88
C VAL A 251 -8.11 20.41 14.90
N GLN A 252 -8.88 21.50 14.92
CA GLN A 252 -8.31 22.83 15.01
C GLN A 252 -7.44 22.99 16.26
N ALA A 253 -7.97 22.56 17.40
CA ALA A 253 -7.23 22.71 18.65
C ALA A 253 -5.99 21.82 18.63
N LEU A 254 -6.12 20.63 18.06
CA LEU A 254 -4.98 19.71 17.97
C LEU A 254 -3.87 20.31 17.11
N ALA A 255 -4.27 20.89 15.98
CA ALA A 255 -3.35 21.53 15.04
C ALA A 255 -2.56 22.66 15.70
N GLY A 256 -3.27 23.54 16.40
CA GLY A 256 -2.64 24.66 17.09
C GLY A 256 -1.71 24.17 18.18
N TYR A 257 -2.14 23.15 18.89
CA TYR A 257 -1.33 22.51 19.92
C TYR A 257 -0.04 21.94 19.33
N MET A 258 -0.16 21.21 18.22
CA MET A 258 1.00 20.62 17.57
C MET A 258 1.97 21.67 17.03
N ALA A 259 1.46 22.85 16.70
CA ALA A 259 2.35 23.93 16.28
C ALA A 259 3.03 24.59 17.48
N SER A 260 2.36 24.56 18.62
CA SER A 260 2.87 25.17 19.86
C SER A 260 3.93 24.33 20.56
N LYS A 265 9.87 25.06 12.16
CA LYS A 265 8.84 24.39 11.37
C LYS A 265 7.68 25.32 11.07
N GLY A 266 7.55 25.73 9.81
CA GLY A 266 6.45 26.59 9.38
C GLY A 266 5.08 25.99 9.63
N LEU A 267 4.92 25.43 10.83
CA LEU A 267 3.70 24.75 11.23
C LEU A 267 2.67 25.74 11.75
N ASP A 268 1.51 25.80 11.10
CA ASP A 268 0.42 26.66 11.49
C ASP A 268 -0.64 25.86 12.22
N SER A 269 -1.64 26.56 12.75
CA SER A 269 -2.86 25.91 13.18
C SER A 269 -3.76 25.74 11.96
N THR A 270 -3.34 26.28 10.82
CA THR A 270 -4.09 26.08 9.57
C THR A 270 -3.69 24.80 8.86
N VAL A 271 -2.62 24.17 9.34
CA VAL A 271 -2.11 22.91 8.79
C VAL A 271 -2.72 21.72 9.54
N ALA A 272 -3.35 20.78 8.82
CA ALA A 272 -3.95 19.59 9.44
C ALA A 272 -2.92 18.82 10.27
N PRO A 273 -3.33 18.31 11.44
CA PRO A 273 -2.36 17.50 12.19
C PRO A 273 -2.46 16.10 11.65
N ILE A 274 -1.47 15.25 11.91
CA ILE A 274 -1.51 13.89 11.38
C ILE A 274 -2.39 13.01 12.28
N TRP A 275 -2.96 11.94 11.72
CA TRP A 275 -3.83 11.05 12.48
C TRP A 275 -3.17 10.53 13.75
N GLU A 276 -1.86 10.29 13.66
CA GLU A 276 -1.08 9.79 14.80
C GLU A 276 -1.25 10.69 16.01
N ALA A 277 -1.29 12.00 15.78
CA ALA A 277 -1.34 12.97 16.86
C ALA A 277 -2.65 12.90 17.65
N ALA A 278 -3.70 12.32 17.05
CA ALA A 278 -4.98 12.16 17.74
C ALA A 278 -5.20 10.76 18.27
N SER A 279 -4.19 9.89 18.17
CA SER A 279 -4.39 8.49 18.52
C SER A 279 -3.23 7.87 19.31
N ASN A 280 -2.22 8.68 19.63
CA ASN A 280 -1.06 8.24 20.44
C ASN A 280 -1.10 8.73 21.90
N GLY A 281 -0.02 8.48 22.65
CA GLY A 281 0.06 8.93 24.03
C GLY A 281 -0.07 10.45 24.16
N ALA A 282 0.71 11.17 23.35
CA ALA A 282 0.64 12.63 23.31
C ALA A 282 -0.77 13.11 23.10
N GLY A 283 -1.48 12.49 22.15
CA GLY A 283 -2.84 12.83 21.87
C GLY A 283 -3.77 12.51 23.03
N LEU A 284 -3.53 11.39 23.69
CA LEU A 284 -4.37 11.02 24.84
C LEU A 284 -4.24 12.07 25.95
N GLU A 285 -3.01 12.51 26.18
CA GLU A 285 -2.74 13.57 27.16
C GLU A 285 -3.42 14.89 26.77
N PHE A 286 -3.42 15.19 25.46
CA PHE A 286 -4.11 16.37 24.98
C PHE A 286 -5.62 16.22 25.14
N ASN A 287 -6.11 15.02 24.84
CA ASN A 287 -7.53 14.75 24.95
C ASN A 287 -8.05 14.99 26.37
N TYR A 288 -7.24 14.63 27.34
CA TYR A 288 -7.62 14.79 28.74
C TYR A 288 -7.82 16.26 29.08
N ALA A 289 -6.82 17.07 28.79
CA ALA A 289 -6.94 18.51 28.96
C ALA A 289 -8.17 19.03 28.22
N TYR A 290 -8.27 18.69 26.94
CA TYR A 290 -9.37 19.14 26.10
C TYR A 290 -10.74 18.83 26.70
N ALA A 291 -10.87 17.69 27.38
CA ALA A 291 -12.18 17.28 27.92
C ALA A 291 -12.48 17.94 29.27
N LYS A 292 -11.43 18.29 30.00
CA LYS A 292 -11.61 18.94 31.32
C LYS A 292 -11.90 20.42 31.17
N GLU A 293 -11.01 21.10 30.45
CA GLU A 293 -11.11 22.52 30.18
C GLU A 293 -10.57 22.70 28.78
N GLY A 294 -9.26 22.47 28.65
CA GLY A 294 -8.61 22.32 27.35
C GLY A 294 -8.51 23.58 26.52
N GLN A 295 -9.65 24.03 25.99
CA GLN A 295 -9.71 25.30 25.27
C GLN A 295 -9.32 26.40 26.25
N LYS A 296 -8.12 26.26 26.80
CA LYS A 296 -7.61 26.98 27.96
C LYS A 296 -6.18 26.47 28.07
N ALA A 297 -5.81 25.92 29.24
CA ALA A 297 -4.45 25.38 29.43
C ALA A 297 -4.15 24.20 28.52
N SER A 298 -3.26 24.43 27.55
CA SER A 298 -2.75 23.38 26.68
C SER A 298 -1.95 22.35 27.47
N ALA A 299 -1.54 22.72 28.68
CA ALA A 299 -0.85 21.82 29.58
C ALA A 299 -1.73 20.63 29.93
N PRO A 300 -1.26 19.41 29.61
CA PRO A 300 -2.05 18.21 29.88
C PRO A 300 -2.03 17.79 31.36
N LEU A 301 -0.92 18.06 32.04
CA LEU A 301 -0.64 17.51 33.37
C LEU A 301 -0.58 15.99 33.35
N LYS A 302 -1.75 15.34 33.40
CA LYS A 302 -1.80 13.87 33.47
C LYS A 302 -1.12 13.22 32.27
N SER A 303 -0.27 12.22 32.54
CA SER A 303 0.36 11.46 31.49
C SER A 303 -0.60 10.43 30.92
N ALA A 304 -0.27 9.89 29.75
CA ALA A 304 -1.14 8.91 29.10
C ALA A 304 -1.43 7.67 29.98
N PRO A 305 -0.39 7.11 30.65
CA PRO A 305 -0.68 6.00 31.57
C PRO A 305 -1.77 6.36 32.56
N GLU A 306 -1.67 7.55 33.14
CA GLU A 306 -2.58 7.98 34.19
C GLU A 306 -4.01 8.11 33.69
N VAL A 307 -4.17 8.80 32.56
CA VAL A 307 -5.49 9.01 31.98
C VAL A 307 -6.16 7.65 31.76
N ALA A 308 -5.41 6.73 31.14
CA ALA A 308 -5.93 5.39 30.86
C ALA A 308 -6.31 4.64 32.14
N LYS A 309 -5.47 4.73 33.17
CA LYS A 309 -5.80 4.10 34.44
C LYS A 309 -7.08 4.70 35.03
N LEU A 310 -7.17 6.04 34.99
CA LEU A 310 -8.34 6.76 35.47
C LEU A 310 -9.60 6.37 34.72
N ALA A 311 -9.43 6.06 33.42
CA ALA A 311 -10.56 5.67 32.58
C ALA A 311 -11.02 4.24 32.91
N LYS A 312 -10.04 3.37 33.13
CA LYS A 312 -10.31 2.00 33.52
C LYS A 312 -11.09 1.96 34.84
N SER A 313 -10.62 2.77 35.79
CA SER A 313 -11.29 2.93 37.09
C SER A 313 -12.78 3.23 36.93
N GLY A 314 -13.09 4.21 36.08
CA GLY A 314 -14.48 4.57 35.83
C GLY A 314 -14.85 5.86 36.54
N SER A 315 -13.92 6.41 37.30
CA SER A 315 -14.17 7.68 37.97
C SER A 315 -14.15 8.86 37.00
N ASP A 316 -12.98 9.47 36.88
CA ASP A 316 -12.73 10.67 36.09
C ASP A 316 -13.44 10.66 34.74
N THR A 317 -14.50 11.45 34.65
CA THR A 317 -15.36 11.52 33.47
C THR A 317 -14.58 12.03 32.25
N ALA A 318 -13.57 12.86 32.50
CA ALA A 318 -12.77 13.44 31.43
C ALA A 318 -11.77 12.42 30.88
N ALA A 319 -11.19 11.61 31.77
CA ALA A 319 -10.27 10.56 31.35
C ALA A 319 -11.02 9.57 30.45
N ILE A 320 -12.27 9.30 30.78
CA ILE A 320 -13.10 8.39 30.00
C ILE A 320 -13.37 8.96 28.62
N ALA A 321 -13.71 10.24 28.57
CA ALA A 321 -13.98 10.91 27.31
C ALA A 321 -12.71 10.97 26.47
N ALA A 322 -11.58 11.25 27.11
CA ALA A 322 -10.30 11.36 26.43
C ALA A 322 -9.90 10.04 25.77
N VAL A 323 -10.16 8.93 26.46
CA VAL A 323 -9.93 7.60 25.88
C VAL A 323 -10.89 7.32 24.74
N ASP A 324 -12.15 7.66 24.95
CA ASP A 324 -13.18 7.44 23.93
C ASP A 324 -12.82 8.21 22.65
N ARG A 325 -12.44 9.48 22.79
CA ARG A 325 -12.03 10.27 21.63
C ARG A 325 -10.78 9.69 20.97
N LEU A 326 -9.87 9.17 21.79
CA LEU A 326 -8.63 8.55 21.30
C LEU A 326 -8.94 7.44 20.31
N TYR A 327 -9.75 6.47 20.73
CA TYR A 327 -10.10 5.35 19.87
C TYR A 327 -11.10 5.69 18.77
N LYS A 328 -11.93 6.70 19.00
CA LYS A 328 -12.82 7.13 17.93
C LYS A 328 -11.99 7.62 16.75
N ASN A 329 -10.92 8.34 17.06
CA ASN A 329 -10.00 8.83 16.03
C ASN A 329 -9.01 7.80 15.48
N LEU A 330 -8.57 6.87 16.32
CA LEU A 330 -7.83 5.73 15.81
C LEU A 330 -8.67 5.02 14.74
N ILE A 331 -9.94 4.80 15.06
CA ILE A 331 -10.85 4.16 14.10
C ILE A 331 -11.09 5.07 12.88
N GLY A 332 -11.14 6.38 13.11
CA GLY A 332 -11.23 7.34 12.00
C GLY A 332 -10.10 7.19 10.99
N LEU A 333 -8.88 6.98 11.50
CA LEU A 333 -7.73 6.69 10.66
C LEU A 333 -7.99 5.40 9.90
N THR A 334 -8.46 4.38 10.61
CA THR A 334 -8.76 3.10 9.94
C THR A 334 -9.88 3.21 8.92
N ALA A 335 -10.76 4.19 9.04
CA ALA A 335 -11.77 4.33 7.99
C ALA A 335 -11.08 4.68 6.68
N GLU A 336 -10.09 5.58 6.77
CA GLU A 336 -9.27 5.91 5.61
C GLU A 336 -8.44 4.73 5.08
N THR A 337 -7.81 3.97 5.96
CA THR A 337 -6.96 2.86 5.49
C THR A 337 -7.80 1.74 4.93
N THR A 338 -8.97 1.53 5.53
CA THR A 338 -9.90 0.49 5.10
C THR A 338 -10.42 0.82 3.71
N MET A 339 -10.77 2.08 3.48
CA MET A 339 -11.16 2.47 2.13
C MET A 339 -10.01 2.34 1.13
N GLN A 340 -8.80 2.81 1.45
CA GLN A 340 -7.75 2.79 0.42
C GLN A 340 -7.32 1.40 0.02
N PHE A 341 -7.24 0.51 1.00
CA PHE A 341 -6.72 -0.83 0.77
C PHE A 341 -7.78 -1.93 0.61
N LEU A 342 -9.03 -1.61 0.92
CA LEU A 342 -10.14 -2.60 0.95
C LEU A 342 -9.72 -3.97 1.52
N PRO A 343 -9.26 -3.98 2.79
CA PRO A 343 -8.67 -5.19 3.38
C PRO A 343 -9.75 -6.18 3.80
N LEU A 344 -9.40 -7.46 3.79
CA LEU A 344 -10.25 -8.50 4.37
C LEU A 344 -10.35 -8.28 5.88
N THR A 345 -9.21 -7.95 6.47
CA THR A 345 -9.15 -7.75 7.90
C THR A 345 -8.39 -6.48 8.23
N CYS A 346 -8.68 -5.93 9.40
CA CYS A 346 -7.88 -4.85 9.92
C CYS A 346 -7.56 -5.22 11.36
N VAL A 347 -6.29 -5.13 11.71
CA VAL A 347 -5.83 -5.54 13.04
C VAL A 347 -5.33 -4.34 13.84
N LEU A 348 -5.84 -4.19 15.06
CA LEU A 348 -5.37 -3.14 15.95
C LEU A 348 -4.50 -3.84 16.98
N MET A 349 -3.23 -3.45 17.08
CA MET A 349 -2.32 -4.19 17.94
C MET A 349 -1.31 -3.33 18.70
N GLY A 350 -0.42 -3.99 19.43
CA GLY A 350 0.55 -3.27 20.25
C GLY A 350 0.22 -3.32 21.74
N ASP A 351 1.22 -3.02 22.57
CA ASP A 351 1.08 -3.06 24.03
C ASP A 351 -0.09 -2.21 24.56
N ASN A 352 -0.22 -0.99 24.03
CA ASN A 352 -1.33 -0.12 24.41
C ASN A 352 -2.71 -0.69 24.14
N VAL A 353 -2.89 -1.32 22.99
CA VAL A 353 -4.19 -1.90 22.68
C VAL A 353 -4.47 -3.06 23.62
N VAL A 354 -3.45 -3.85 23.92
CA VAL A 354 -3.63 -4.95 24.89
C VAL A 354 -3.98 -4.38 26.26
N ALA A 355 -3.21 -3.38 26.69
CA ALA A 355 -3.39 -2.77 28.02
C ALA A 355 -4.77 -2.13 28.22
N ASN A 356 -5.33 -1.60 27.13
CA ASN A 356 -6.62 -0.94 27.19
C ASN A 356 -7.78 -1.86 26.79
N SER A 357 -7.58 -3.15 26.99
CA SER A 357 -8.63 -4.12 26.69
C SER A 357 -9.96 -3.76 27.34
N PHE A 358 -9.90 -3.23 28.57
CA PHE A 358 -11.08 -2.75 29.29
C PHE A 358 -12.01 -1.90 28.42
N TYR A 359 -11.45 -1.00 27.62
CA TYR A 359 -12.27 -0.15 26.78
C TYR A 359 -13.04 -0.98 25.76
N PHE A 360 -12.38 -1.95 25.14
CA PHE A 360 -13.00 -2.70 24.06
C PHE A 360 -13.88 -3.84 24.58
N GLU A 361 -13.77 -4.15 25.86
CA GLU A 361 -14.61 -5.20 26.44
C GLU A 361 -16.07 -4.75 26.63
N LYS A 362 -16.32 -3.43 26.56
CA LYS A 362 -17.67 -2.90 26.69
C LYS A 362 -18.38 -2.86 25.34
N PRO A 363 -19.44 -3.67 25.18
CA PRO A 363 -20.13 -3.71 23.88
C PRO A 363 -20.57 -2.33 23.39
N GLU A 364 -20.97 -1.45 24.30
CA GLU A 364 -21.42 -0.13 23.89
C GLU A 364 -20.30 0.62 23.18
N ASN A 365 -19.09 0.52 23.73
CA ASN A 365 -17.92 1.15 23.13
C ASN A 365 -17.60 0.62 21.73
N VAL A 366 -17.59 -0.70 21.58
CA VAL A 366 -17.32 -1.32 20.28
C VAL A 366 -18.35 -0.87 19.24
N LYS A 367 -19.61 -0.81 19.67
CA LYS A 367 -20.72 -0.35 18.84
C LYS A 367 -20.47 1.07 18.36
N ARG A 368 -20.06 1.94 19.27
CA ARG A 368 -19.78 3.33 18.94
C ARG A 368 -18.53 3.51 18.08
N LEU A 369 -17.58 2.58 18.19
CA LEU A 369 -16.41 2.59 17.32
C LEU A 369 -16.79 2.20 15.91
N GLN A 370 -17.61 1.16 15.77
CA GLN A 370 -18.11 0.74 14.48
C GLN A 370 -18.97 1.86 13.90
N ALA A 371 -19.65 2.59 14.78
CA ALA A 371 -20.44 3.75 14.34
C ALA A 371 -19.53 4.78 13.70
N ARG A 372 -18.39 5.02 14.31
CA ARG A 372 -17.47 6.01 13.80
C ARG A 372 -16.93 5.61 12.43
N LEU A 373 -16.48 4.36 12.32
CA LEU A 373 -15.97 3.85 11.05
C LEU A 373 -16.98 4.15 9.96
N HIS A 374 -18.25 3.94 10.30
CA HIS A 374 -19.33 4.06 9.33
C HIS A 374 -19.71 5.50 8.95
N GLU A 375 -19.02 6.50 9.50
CA GLU A 375 -19.29 7.89 9.13
C GLU A 375 -18.65 8.27 7.79
N HIS A 376 -17.71 7.45 7.32
CA HIS A 376 -16.99 7.70 6.07
C HIS A 376 -17.95 7.79 4.90
N ALA A 377 -17.70 8.73 3.98
CA ALA A 377 -18.57 8.95 2.82
C ALA A 377 -18.77 7.69 2.00
N MET A 378 -17.77 6.82 1.99
CA MET A 378 -17.81 5.64 1.13
C MET A 378 -18.50 4.45 1.80
N GLU A 379 -18.69 4.55 3.11
CA GLU A 379 -19.51 3.57 3.80
C GLU A 379 -20.95 4.04 3.68
N ARG A 380 -21.17 5.33 3.89
CA ARG A 380 -22.51 5.88 3.77
C ARG A 380 -23.11 5.58 2.40
N GLN A 381 -22.31 5.78 1.35
CA GLN A 381 -22.82 5.61 0.00
C GLN A 381 -22.77 4.18 -0.51
N PHE A 382 -21.71 3.45 -0.16
CA PHE A 382 -21.46 2.17 -0.84
C PHE A 382 -21.17 0.96 0.05
N LYS A 383 -21.12 1.14 1.37
CA LYS A 383 -20.84 0.03 2.30
C LYS A 383 -19.49 -0.66 2.04
N PHE A 384 -18.47 0.11 1.67
CA PHE A 384 -17.15 -0.46 1.40
C PHE A 384 -16.45 -0.91 2.68
N LEU A 385 -16.55 -0.08 3.71
CA LEU A 385 -15.74 -0.27 4.93
C LEU A 385 -16.27 -1.43 5.79
N SER A 386 -17.59 -1.63 5.77
CA SER A 386 -18.20 -2.69 6.58
C SER A 386 -17.88 -4.09 6.05
N ARG A 387 -17.20 -4.17 4.92
CA ARG A 387 -16.76 -5.47 4.39
C ARG A 387 -15.66 -6.07 5.24
N THR A 388 -14.98 -5.22 6.00
CA THR A 388 -13.75 -5.58 6.71
C THR A 388 -13.98 -6.09 8.14
N THR A 389 -13.36 -7.23 8.45
CA THR A 389 -13.40 -7.81 9.79
C THR A 389 -12.30 -7.14 10.62
N PHE A 390 -12.67 -6.57 11.77
CA PHE A 390 -11.68 -5.93 12.65
C PHE A 390 -11.30 -6.83 13.81
N LEU A 391 -10.01 -6.85 14.10
CA LEU A 391 -9.46 -7.67 15.19
C LEU A 391 -8.63 -6.78 16.12
N ARG A 392 -8.47 -7.25 17.36
CA ARG A 392 -7.77 -6.54 18.44
C ARG A 392 -6.81 -7.50 19.11
N GLN A 393 -5.57 -7.07 19.32
CA GLN A 393 -4.64 -7.88 20.11
C GLN A 393 -5.06 -7.92 21.58
N VAL A 394 -5.03 -9.12 22.18
CA VAL A 394 -5.38 -9.26 23.60
C VAL A 394 -4.26 -9.89 24.44
N SER A 395 -3.35 -10.62 23.80
CA SER A 395 -2.27 -11.29 24.53
C SER A 395 -0.93 -10.76 24.06
N SER A 396 -0.07 -10.38 24.99
CA SER A 396 1.25 -9.89 24.65
C SER A 396 2.10 -11.02 24.07
N VAL A 397 3.05 -10.67 23.22
CA VAL A 397 3.87 -11.66 22.54
C VAL A 397 4.99 -10.94 21.85
N ASN A 398 6.11 -11.63 21.59
CA ASN A 398 7.21 -11.01 20.91
C ASN A 398 6.94 -11.02 19.41
N ILE A 399 6.00 -10.17 19.00
CA ILE A 399 5.45 -10.18 17.65
C ILE A 399 6.52 -9.88 16.62
N ASN A 400 7.48 -9.02 16.97
CA ASN A 400 8.50 -8.65 16.02
C ASN A 400 9.49 -9.78 15.76
N LEU A 401 9.88 -10.50 16.80
CA LEU A 401 10.71 -11.68 16.60
C LEU A 401 9.99 -12.71 15.71
N LEU A 402 8.73 -13.01 16.02
CA LEU A 402 7.92 -13.90 15.22
C LEU A 402 7.86 -13.46 13.76
N GLY A 403 7.81 -12.16 13.54
CA GLY A 403 7.72 -11.61 12.20
C GLY A 403 8.94 -11.89 11.36
N CYS A 404 10.08 -12.07 12.04
CA CYS A 404 11.27 -12.46 11.33
C CYS A 404 11.06 -13.86 10.75
N LEU A 405 10.33 -14.71 11.48
CA LEU A 405 9.93 -16.01 10.94
C LEU A 405 8.90 -15.85 9.81
N GLY A 406 7.93 -14.97 10.05
CA GLY A 406 6.87 -14.75 9.09
C GLY A 406 7.45 -14.35 7.75
N PHE A 407 8.43 -13.44 7.79
CA PHE A 407 9.15 -13.04 6.61
C PHE A 407 9.73 -14.24 5.88
N GLY A 408 10.52 -15.03 6.59
CA GLY A 408 11.16 -16.20 6.00
C GLY A 408 10.19 -17.19 5.39
N SER A 409 9.04 -17.36 6.02
CA SER A 409 8.05 -18.35 5.60
C SER A 409 7.40 -17.99 4.26
N GLN A 410 7.46 -16.71 3.90
CA GLN A 410 6.84 -16.23 2.67
C GLN A 410 7.83 -16.17 1.52
N LEU A 411 9.05 -16.65 1.72
CA LEU A 411 10.08 -16.54 0.68
C LEU A 411 9.83 -17.51 -0.48
N SER A 412 9.95 -16.99 -1.71
CA SER A 412 9.72 -17.79 -2.92
C SER A 412 10.85 -18.79 -3.11
N MET B 15 11.03 1.59 -29.54
CA MET B 15 9.84 2.17 -28.97
C MET B 15 8.77 1.12 -28.69
N VAL B 16 7.54 1.57 -28.48
CA VAL B 16 6.42 0.67 -28.39
C VAL B 16 5.83 0.50 -29.78
N GLN B 17 5.60 -0.73 -30.20
CA GLN B 17 4.90 -0.98 -31.45
C GLN B 17 3.63 -1.74 -31.15
N THR B 18 2.50 -1.07 -31.32
CA THR B 18 1.19 -1.62 -31.03
C THR B 18 0.34 -1.58 -32.28
N LYS B 19 -0.28 -2.71 -32.61
CA LYS B 19 -1.02 -2.85 -33.86
C LYS B 19 -2.31 -3.63 -33.65
N GLU B 20 -3.45 -3.02 -33.97
CA GLU B 20 -4.73 -3.72 -33.98
C GLU B 20 -4.85 -4.50 -35.28
N ILE B 21 -5.35 -5.73 -35.21
CA ILE B 21 -5.64 -6.52 -36.39
C ILE B 21 -7.02 -7.12 -36.23
N ALA B 22 -7.58 -7.61 -37.32
CA ALA B 22 -8.79 -8.39 -37.25
C ALA B 22 -8.39 -9.84 -36.98
N LEU B 23 -9.28 -10.59 -36.33
CA LEU B 23 -8.99 -11.97 -35.93
C LEU B 23 -8.53 -12.81 -37.13
N GLU B 24 -9.15 -12.60 -38.30
CA GLU B 24 -8.79 -13.35 -39.49
C GLU B 24 -7.33 -13.19 -39.89
N GLN B 25 -6.67 -12.14 -39.38
CA GLN B 25 -5.30 -11.83 -39.77
C GLN B 25 -4.26 -12.27 -38.74
N LEU B 26 -4.69 -12.92 -37.67
CA LEU B 26 -3.79 -13.23 -36.55
C LEU B 26 -2.62 -14.13 -36.97
N ALA B 27 -2.93 -15.27 -37.55
CA ALA B 27 -1.90 -16.17 -38.05
C ALA B 27 -0.91 -15.53 -39.04
N LEU B 28 -1.42 -14.84 -40.06
CA LEU B 28 -0.51 -14.25 -41.06
C LEU B 28 0.37 -13.16 -40.45
N THR B 29 -0.12 -12.52 -39.40
CA THR B 29 0.65 -11.53 -38.66
C THR B 29 1.78 -12.21 -37.88
N LEU B 30 1.45 -13.33 -37.25
CA LEU B 30 2.42 -14.07 -36.44
C LEU B 30 3.38 -14.91 -37.30
N THR B 31 2.98 -15.21 -38.53
CA THR B 31 3.83 -15.94 -39.47
C THR B 31 4.49 -15.00 -40.47
N GLY B 32 3.92 -13.81 -40.61
CA GLY B 32 4.46 -12.80 -41.51
C GLY B 32 5.81 -12.31 -41.04
N ASP B 33 5.83 -11.60 -39.91
CA ASP B 33 7.10 -11.16 -39.32
C ASP B 33 7.71 -12.22 -38.42
N ALA B 34 8.99 -12.53 -38.66
CA ALA B 34 9.71 -13.56 -37.91
C ALA B 34 10.01 -13.18 -36.45
N SER B 35 9.77 -11.93 -36.08
CA SER B 35 10.09 -11.52 -34.71
C SER B 35 9.07 -12.05 -33.69
N TRP B 36 8.09 -12.82 -34.17
CA TRP B 36 7.21 -13.59 -33.27
C TRP B 36 7.63 -15.06 -33.24
N SER B 37 8.67 -15.40 -34.01
CA SER B 37 9.13 -16.79 -34.11
C SER B 37 9.78 -17.33 -32.84
N SER B 38 10.32 -16.45 -32.01
CA SER B 38 11.06 -16.90 -30.83
C SER B 38 10.95 -15.93 -29.67
N GLY B 39 11.14 -16.47 -28.46
CA GLY B 39 11.12 -15.68 -27.25
C GLY B 39 9.78 -15.81 -26.56
N PRO B 40 9.71 -15.34 -25.31
CA PRO B 40 8.45 -15.45 -24.55
C PRO B 40 7.35 -14.60 -25.18
N ILE B 41 6.12 -15.09 -25.06
CA ILE B 41 4.93 -14.38 -25.49
C ILE B 41 4.13 -14.09 -24.24
N TYR B 42 3.68 -12.84 -24.09
CA TYR B 42 2.84 -12.48 -22.96
C TYR B 42 1.44 -12.15 -23.47
N VAL B 43 0.46 -12.93 -23.04
CA VAL B 43 -0.92 -12.69 -23.47
C VAL B 43 -1.44 -11.43 -22.81
N VAL B 44 -2.09 -10.57 -23.60
CA VAL B 44 -2.62 -9.31 -23.07
C VAL B 44 -4.11 -9.17 -23.38
N CYS B 45 -4.80 -8.48 -22.49
CA CYS B 45 -6.24 -8.26 -22.63
C CYS B 45 -6.64 -7.05 -21.81
N ASP B 46 -7.35 -6.12 -22.44
CA ASP B 46 -7.90 -4.99 -21.70
C ASP B 46 -9.36 -4.77 -22.07
N VAL B 47 -10.21 -4.71 -21.04
CA VAL B 47 -11.63 -4.50 -21.22
C VAL B 47 -12.01 -3.07 -20.89
N GLY B 48 -12.57 -2.35 -21.86
CA GLY B 48 -12.90 -0.95 -21.62
C GLY B 48 -14.08 -0.43 -22.41
N GLY B 49 -15.11 0.00 -21.68
CA GLY B 49 -16.33 0.51 -22.29
C GLY B 49 -17.06 -0.58 -23.04
N THR B 50 -16.85 -0.64 -24.35
CA THR B 50 -17.55 -1.57 -25.21
C THR B 50 -16.59 -2.51 -25.96
N SER B 51 -15.28 -2.40 -25.68
CA SER B 51 -14.31 -3.25 -26.35
C SER B 51 -13.49 -4.10 -25.40
N ALA B 52 -13.12 -5.28 -25.87
CA ALA B 52 -12.17 -6.12 -25.16
C ALA B 52 -11.03 -6.43 -26.12
N ARG B 53 -9.91 -5.76 -25.93
CA ARG B 53 -8.76 -6.03 -26.77
C ARG B 53 -8.06 -7.27 -26.25
N VAL B 54 -7.79 -8.22 -27.14
CA VAL B 54 -7.18 -9.49 -26.76
C VAL B 54 -6.01 -9.72 -27.70
N GLY B 55 -4.84 -10.01 -27.16
CA GLY B 55 -3.68 -10.19 -28.01
C GLY B 55 -2.44 -10.75 -27.37
N PHE B 56 -1.30 -10.45 -28.00
CA PHE B 56 -0.03 -11.04 -27.66
C PHE B 56 1.05 -9.98 -27.67
N SER B 57 1.98 -10.08 -26.72
CA SER B 57 3.03 -9.10 -26.59
C SER B 57 4.37 -9.79 -26.42
N GLN B 58 5.44 -9.06 -26.71
CA GLN B 58 6.78 -9.60 -26.51
C GLN B 58 7.78 -8.47 -26.32
N ALA B 59 8.94 -8.81 -25.80
CA ALA B 59 10.06 -7.88 -25.78
C ALA B 59 10.86 -7.96 -27.07
N SER B 60 12.04 -7.35 -27.05
CA SER B 60 13.04 -7.49 -28.11
C SER B 60 14.35 -7.31 -27.37
N GLN B 61 15.47 -7.34 -28.08
CA GLN B 61 16.74 -7.09 -27.41
C GLN B 61 17.44 -5.82 -27.88
N HIS B 62 17.29 -4.76 -27.08
CA HIS B 62 17.95 -3.49 -27.30
C HIS B 62 18.34 -2.93 -25.93
N ASP B 63 19.17 -1.89 -25.92
CA ASP B 63 19.38 -1.12 -24.70
C ASP B 63 18.07 -0.36 -24.44
N ARG B 64 17.41 0.05 -25.52
CA ARG B 64 16.05 0.57 -25.48
C ARG B 64 15.12 -0.51 -26.04
N SER B 65 14.85 -1.51 -25.19
CA SER B 65 14.21 -2.80 -25.52
C SER B 65 13.44 -2.93 -26.85
N GLY B 66 12.34 -2.20 -26.97
CA GLY B 66 11.40 -2.42 -28.04
C GLY B 66 10.33 -3.38 -27.54
N LEU B 67 9.10 -2.89 -27.42
CA LEU B 67 8.00 -3.72 -26.97
C LEU B 67 6.98 -3.85 -28.09
N HIS B 68 6.48 -5.07 -28.31
CA HIS B 68 5.54 -5.33 -29.40
C HIS B 68 4.24 -5.87 -28.87
N ILE B 69 3.14 -5.33 -29.37
CA ILE B 69 1.82 -5.81 -29.00
C ILE B 69 1.05 -5.95 -30.28
N ILE B 70 0.41 -7.10 -30.45
CA ILE B 70 -0.53 -7.35 -31.54
C ILE B 70 -1.85 -7.63 -30.83
N TYR B 71 -2.95 -7.03 -31.27
CA TYR B 71 -4.22 -7.33 -30.61
C TYR B 71 -5.42 -7.25 -31.55
N VAL B 72 -6.46 -8.01 -31.20
CA VAL B 72 -7.77 -7.97 -31.86
C VAL B 72 -8.77 -7.24 -30.95
N ARG B 73 -9.56 -6.34 -31.51
CA ARG B 73 -10.57 -5.63 -30.74
C ARG B 73 -11.94 -6.28 -30.87
N PHE B 74 -12.33 -7.09 -29.88
CA PHE B 74 -13.67 -7.65 -29.82
C PHE B 74 -14.64 -6.67 -29.18
N LYS B 75 -15.84 -6.58 -29.74
CA LYS B 75 -16.87 -5.70 -29.18
C LYS B 75 -17.72 -6.49 -28.20
N VAL B 76 -17.84 -5.99 -26.97
CA VAL B 76 -18.61 -6.70 -25.95
C VAL B 76 -20.07 -6.38 -26.15
N THR B 77 -20.60 -6.88 -27.27
CA THR B 77 -21.95 -6.52 -27.71
C THR B 77 -23.05 -7.08 -26.81
N LYS B 78 -22.69 -8.07 -25.98
CA LYS B 78 -23.64 -8.64 -25.03
C LYS B 78 -23.62 -7.88 -23.70
N SER B 79 -22.71 -6.91 -23.59
CA SER B 79 -22.52 -6.11 -22.37
C SER B 79 -22.37 -7.02 -21.16
N ASP B 80 -21.58 -8.08 -21.32
CA ASP B 80 -21.38 -9.11 -20.31
C ASP B 80 -19.91 -9.47 -20.31
N ILE B 81 -19.27 -9.40 -19.15
CA ILE B 81 -17.85 -9.73 -19.01
C ILE B 81 -17.56 -11.20 -19.38
N ARG B 82 -18.56 -12.06 -19.25
CA ARG B 82 -18.41 -13.48 -19.58
C ARG B 82 -18.21 -13.74 -21.06
N GLN B 83 -18.46 -12.72 -21.88
CA GLN B 83 -18.25 -12.83 -23.32
C GLN B 83 -16.76 -12.92 -23.63
N LEU B 84 -15.92 -12.62 -22.64
CA LEU B 84 -14.48 -12.76 -22.78
C LEU B 84 -14.08 -14.18 -23.14
N LEU B 85 -14.81 -15.14 -22.55
CA LEU B 85 -14.57 -16.57 -22.78
C LEU B 85 -14.76 -16.90 -24.26
N GLU B 86 -15.72 -16.24 -24.89
CA GLU B 86 -15.94 -16.46 -26.32
C GLU B 86 -14.81 -15.88 -27.16
N PHE B 87 -14.32 -14.70 -26.80
CA PHE B 87 -13.24 -14.10 -27.60
C PHE B 87 -12.00 -14.95 -27.46
N PHE B 88 -11.73 -15.38 -26.22
CA PHE B 88 -10.61 -16.28 -25.96
C PHE B 88 -10.65 -17.54 -26.81
N ASP B 89 -11.82 -18.16 -26.92
CA ASP B 89 -11.92 -19.38 -27.72
C ASP B 89 -11.72 -19.09 -29.21
N GLU B 90 -12.36 -18.02 -29.69
CA GLU B 90 -12.14 -17.56 -31.05
C GLU B 90 -10.66 -17.38 -31.37
N VAL B 91 -9.90 -16.81 -30.42
CA VAL B 91 -8.46 -16.61 -30.65
C VAL B 91 -7.74 -17.95 -30.73
N LEU B 92 -8.03 -18.84 -29.78
CA LEU B 92 -7.45 -20.18 -29.74
C LEU B 92 -7.79 -20.99 -31.00
N GLN B 93 -9.08 -21.07 -31.31
CA GLN B 93 -9.50 -21.80 -32.50
C GLN B 93 -8.82 -21.30 -33.78
N HIS B 94 -8.62 -19.99 -33.88
CA HIS B 94 -7.98 -19.44 -35.06
C HIS B 94 -6.53 -19.91 -35.18
N LEU B 95 -5.82 -19.90 -34.06
CA LEU B 95 -4.43 -20.34 -34.02
C LEU B 95 -4.33 -21.84 -34.34
N LYS B 96 -5.30 -22.63 -33.87
CA LYS B 96 -5.28 -24.08 -34.13
C LYS B 96 -5.52 -24.39 -35.60
N LYS B 97 -6.36 -23.59 -36.25
CA LYS B 97 -6.75 -23.86 -37.63
C LYS B 97 -5.74 -23.36 -38.65
N ASN B 98 -5.00 -22.31 -38.29
CA ASN B 98 -4.23 -21.59 -39.29
C ASN B 98 -2.70 -21.60 -39.10
N LEU B 99 -2.25 -22.15 -37.98
CA LEU B 99 -0.81 -22.26 -37.73
C LEU B 99 -0.38 -23.71 -37.97
N PRO B 100 0.86 -23.89 -38.50
CA PRO B 100 1.47 -25.13 -38.98
C PRO B 100 1.14 -26.36 -38.16
N ASP B 101 1.09 -26.16 -36.85
CA ASP B 101 1.17 -27.23 -35.88
C ASP B 101 0.02 -27.01 -34.92
N HIS B 102 -1.08 -26.49 -35.45
CA HIS B 102 -2.21 -26.07 -34.64
C HIS B 102 -1.77 -25.03 -33.59
N GLY B 103 -0.73 -24.27 -33.93
CA GLY B 103 -0.21 -23.22 -33.08
C GLY B 103 0.55 -23.74 -31.87
N ALA B 104 0.84 -25.03 -31.85
CA ALA B 104 1.46 -25.62 -30.67
C ALA B 104 2.83 -25.01 -30.35
N SER B 105 3.63 -24.71 -31.37
CA SER B 105 4.95 -24.12 -31.10
C SER B 105 4.82 -22.69 -30.53
N PHE B 106 3.91 -21.92 -31.10
CA PHE B 106 3.69 -20.57 -30.64
C PHE B 106 3.07 -20.54 -29.24
N LEU B 107 2.07 -21.38 -29.02
CA LEU B 107 1.39 -21.43 -27.72
C LEU B 107 2.33 -21.90 -26.61
N ARG B 108 3.24 -22.80 -26.97
CA ARG B 108 4.24 -23.33 -26.05
C ARG B 108 5.02 -22.21 -25.36
N ARG B 109 5.11 -21.05 -26.03
CA ARG B 109 5.95 -19.95 -25.56
C ARG B 109 5.22 -18.89 -24.72
N VAL B 110 3.92 -19.09 -24.53
CA VAL B 110 3.15 -18.21 -23.66
C VAL B 110 3.69 -18.25 -22.23
N ALA B 111 4.24 -17.12 -21.78
CA ALA B 111 4.88 -17.06 -20.47
C ALA B 111 3.92 -16.63 -19.37
N SER B 112 2.82 -15.99 -19.76
CA SER B 112 1.88 -15.42 -18.80
C SER B 112 0.63 -14.97 -19.54
N GLY B 113 -0.42 -14.67 -18.78
CA GLY B 113 -1.63 -14.08 -19.34
C GLY B 113 -2.27 -13.19 -18.30
N ALA B 114 -2.85 -12.08 -18.72
CA ALA B 114 -3.40 -11.12 -17.78
C ALA B 114 -4.53 -10.39 -18.44
N VAL B 115 -5.49 -9.95 -17.65
CA VAL B 115 -6.69 -9.31 -18.18
C VAL B 115 -6.97 -8.06 -17.35
N SER B 116 -6.79 -6.89 -17.98
CA SER B 116 -7.08 -5.60 -17.34
C SER B 116 -8.57 -5.28 -17.49
N VAL B 117 -9.24 -5.06 -16.36
CA VAL B 117 -10.69 -4.87 -16.33
C VAL B 117 -11.04 -3.59 -15.56
N PRO B 118 -12.15 -2.93 -15.95
CA PRO B 118 -12.46 -1.61 -15.40
C PRO B 118 -13.31 -1.73 -14.14
N GLY B 119 -12.79 -2.46 -13.17
CA GLY B 119 -13.48 -2.68 -11.93
C GLY B 119 -12.53 -3.27 -10.89
N PRO B 120 -13.06 -3.51 -9.68
CA PRO B 120 -12.31 -4.01 -8.54
C PRO B 120 -12.01 -5.50 -8.69
N VAL B 121 -10.79 -5.91 -8.38
CA VAL B 121 -10.40 -7.31 -8.54
C VAL B 121 -10.17 -7.95 -7.16
N THR B 122 -10.54 -9.22 -7.03
CA THR B 122 -10.36 -9.94 -5.77
C THR B 122 -9.25 -10.98 -5.90
N ASN B 123 -8.13 -10.73 -5.22
CA ASN B 123 -7.02 -11.68 -5.19
C ASN B 123 -6.50 -12.09 -6.55
N GLY B 124 -6.70 -11.23 -7.55
CA GLY B 124 -6.29 -11.49 -8.92
C GLY B 124 -7.08 -12.59 -9.62
N GLN B 125 -8.18 -13.01 -9.00
CA GLN B 125 -8.84 -14.23 -9.44
C GLN B 125 -10.30 -14.01 -9.83
N LEU B 126 -10.88 -12.95 -9.27
CA LEU B 126 -12.27 -12.63 -9.51
C LEU B 126 -12.37 -11.11 -9.67
N ALA B 127 -13.21 -10.68 -10.60
CA ALA B 127 -13.42 -9.27 -10.85
C ALA B 127 -14.91 -9.05 -10.96
N GLY B 128 -15.37 -7.97 -10.37
CA GLY B 128 -16.68 -7.98 -9.72
C GLY B 128 -17.86 -7.56 -10.54
N PRO B 129 -18.86 -6.98 -9.87
CA PRO B 129 -19.90 -6.30 -10.60
C PRO B 129 -19.21 -5.09 -11.23
N PHE B 130 -19.46 -4.85 -12.52
CA PHE B 130 -18.95 -3.67 -13.18
C PHE B 130 -20.13 -2.73 -13.34
N ASN B 131 -19.91 -1.49 -13.73
CA ASN B 131 -21.07 -0.59 -13.79
C ASN B 131 -21.92 -0.74 -15.06
N ASN B 132 -21.29 -1.08 -16.20
CA ASN B 132 -22.05 -1.36 -17.42
C ASN B 132 -21.71 -2.66 -18.14
N LEU B 133 -21.29 -3.66 -17.37
CA LEU B 133 -21.18 -5.02 -17.88
C LEU B 133 -21.72 -5.97 -16.83
N LYS B 134 -22.65 -6.81 -17.22
CA LYS B 134 -23.17 -7.80 -16.31
C LYS B 134 -22.08 -8.82 -16.07
N GLY B 135 -22.24 -9.64 -15.04
CA GLY B 135 -21.38 -10.82 -14.86
C GLY B 135 -20.12 -10.64 -14.04
N ILE B 136 -19.55 -11.77 -13.62
CA ILE B 136 -18.30 -11.81 -12.85
C ILE B 136 -17.19 -12.44 -13.67
N ALA B 137 -16.04 -11.76 -13.74
CA ALA B 137 -14.85 -12.31 -14.38
C ALA B 137 -14.18 -13.35 -13.48
N ARG B 138 -14.11 -14.60 -13.94
CA ARG B 138 -13.47 -15.68 -13.19
C ARG B 138 -12.22 -16.22 -13.86
N LEU B 139 -11.06 -15.95 -13.27
CA LEU B 139 -9.79 -16.38 -13.87
C LEU B 139 -9.77 -17.88 -14.01
N VAL B 140 -10.30 -18.57 -13.01
CA VAL B 140 -10.34 -20.04 -13.03
C VAL B 140 -11.08 -20.59 -14.27
N ASP B 141 -11.91 -19.78 -14.90
CA ASP B 141 -12.64 -20.21 -16.11
C ASP B 141 -11.95 -19.95 -17.45
N TYR B 142 -10.82 -19.24 -17.43
CA TYR B 142 -10.15 -18.86 -18.69
C TYR B 142 -9.32 -20.02 -19.20
N PRO B 143 -9.13 -20.12 -20.53
CA PRO B 143 -8.39 -21.26 -21.09
C PRO B 143 -6.93 -21.22 -20.72
N VAL B 144 -6.42 -22.36 -20.28
CA VAL B 144 -5.06 -22.47 -19.78
C VAL B 144 -4.02 -22.13 -20.84
N GLU B 145 -4.36 -22.38 -22.10
CA GLU B 145 -3.41 -22.11 -23.18
C GLU B 145 -3.06 -20.62 -23.31
N LEU B 146 -3.99 -19.75 -22.92
CA LEU B 146 -3.75 -18.31 -22.99
C LEU B 146 -3.40 -17.79 -21.61
N PHE B 147 -3.88 -18.49 -20.59
CA PHE B 147 -3.70 -18.05 -19.21
C PHE B 147 -3.19 -19.22 -18.38
N PRO B 148 -1.87 -19.45 -18.44
CA PRO B 148 -1.26 -20.62 -17.79
C PRO B 148 -1.47 -20.58 -16.27
N LYS B 149 -1.68 -21.76 -15.68
CA LYS B 149 -1.88 -21.87 -14.25
C LYS B 149 -0.63 -21.40 -13.52
N GLY B 150 -0.85 -20.57 -12.49
CA GLY B 150 0.22 -20.04 -11.65
C GLY B 150 0.91 -18.85 -12.30
N ARG B 151 0.45 -18.47 -13.49
CA ARG B 151 1.15 -17.48 -14.29
C ARG B 151 0.22 -16.39 -14.81
N SER B 152 -0.97 -16.29 -14.22
CA SER B 152 -2.01 -15.43 -14.74
C SER B 152 -2.73 -14.64 -13.68
N ALA B 153 -3.36 -13.55 -14.09
CA ALA B 153 -4.09 -12.72 -13.15
C ALA B 153 -5.09 -11.82 -13.86
N LEU B 154 -6.19 -11.54 -13.19
CA LEU B 154 -7.01 -10.40 -13.53
C LEU B 154 -6.37 -9.20 -12.83
N LEU B 155 -6.25 -8.08 -13.54
CA LEU B 155 -5.67 -6.86 -13.01
C LEU B 155 -6.71 -5.77 -13.07
N ASN B 156 -6.77 -4.96 -12.02
CA ASN B 156 -7.53 -3.73 -12.15
C ASN B 156 -6.85 -2.81 -13.16
N ASP B 157 -7.66 -1.97 -13.77
CA ASP B 157 -7.27 -0.88 -14.67
C ASP B 157 -5.92 -0.23 -14.35
N LEU B 158 -5.79 0.35 -13.15
CA LEU B 158 -4.60 1.08 -12.75
C LEU B 158 -3.49 0.16 -12.25
N GLU B 159 -3.85 -1.06 -11.90
CA GLU B 159 -2.86 -2.05 -11.57
C GLU B 159 -2.12 -2.40 -12.86
N ALA B 160 -2.86 -2.69 -13.92
CA ALA B 160 -2.23 -2.91 -15.21
C ALA B 160 -1.45 -1.69 -15.66
N GLY B 161 -2.01 -0.52 -15.45
CA GLY B 161 -1.37 0.70 -15.92
C GLY B 161 0.01 0.86 -15.30
N ALA B 162 0.08 0.61 -13.99
CA ALA B 162 1.35 0.65 -13.24
C ALA B 162 2.38 -0.33 -13.80
N TYR B 163 1.97 -1.58 -14.04
CA TYR B 163 2.84 -2.54 -14.69
C TYR B 163 3.34 -2.02 -16.03
N GLY B 164 2.54 -1.19 -16.70
CA GLY B 164 2.90 -0.63 -18.00
C GLY B 164 4.02 0.39 -17.86
N VAL B 165 3.85 1.28 -16.88
CA VAL B 165 4.92 2.18 -16.48
C VAL B 165 6.21 1.39 -16.24
N LEU B 166 6.07 0.26 -15.56
CA LEU B 166 7.23 -0.53 -15.19
C LEU B 166 7.84 -1.17 -16.44
N ALA B 167 6.99 -1.71 -17.31
CA ALA B 167 7.48 -2.27 -18.58
C ALA B 167 8.27 -1.23 -19.39
N LEU B 168 7.72 -0.01 -19.51
CA LEU B 168 8.44 1.09 -20.15
C LEU B 168 9.78 1.40 -19.46
N SER B 169 9.76 1.58 -18.15
CA SER B 169 11.01 1.81 -17.41
C SER B 169 12.06 0.72 -17.70
N ASN B 170 11.65 -0.54 -17.59
CA ASN B 170 12.57 -1.66 -17.82
C ASN B 170 13.08 -1.74 -19.26
N ALA B 171 12.25 -1.28 -20.18
CA ALA B 171 12.61 -1.23 -21.59
C ALA B 171 13.59 -0.10 -21.87
N GLY B 172 13.76 0.81 -20.92
CA GLY B 172 14.72 1.90 -21.01
C GLY B 172 14.13 3.05 -21.82
N ILE B 173 12.81 3.09 -21.84
CA ILE B 173 12.10 3.95 -22.76
C ILE B 173 11.06 4.82 -22.03
N LEU B 174 11.18 4.90 -20.72
CA LEU B 174 10.28 5.72 -19.91
C LEU B 174 10.25 7.18 -20.40
N SER B 175 11.41 7.74 -20.74
CA SER B 175 11.51 9.16 -21.06
C SER B 175 10.79 9.57 -22.33
N ASP B 176 10.53 8.63 -23.23
CA ASP B 176 9.75 8.96 -24.44
C ASP B 176 8.25 9.13 -24.14
N TYR B 177 7.84 8.78 -22.93
CA TYR B 177 6.44 8.85 -22.55
C TYR B 177 6.16 9.72 -21.32
N PHE B 178 7.21 10.02 -20.56
CA PHE B 178 7.08 10.78 -19.31
C PHE B 178 8.14 11.85 -19.16
N LYS B 179 7.78 12.99 -18.57
CA LYS B 179 8.72 14.07 -18.26
C LYS B 179 8.79 14.35 -16.76
N VAL B 180 9.95 14.81 -16.30
CA VAL B 180 10.12 15.15 -14.90
C VAL B 180 9.36 16.43 -14.63
N MET B 181 8.57 16.45 -13.56
CA MET B 181 7.95 17.69 -13.08
C MET B 181 8.91 18.35 -12.11
N TRP B 182 9.32 17.59 -11.10
CA TRP B 182 10.41 18.00 -10.23
C TRP B 182 11.15 16.78 -9.74
N LYS B 183 12.46 16.94 -9.63
CA LYS B 183 13.36 15.89 -9.14
C LYS B 183 13.41 15.87 -7.61
N GLY B 184 13.25 14.69 -7.03
CA GLY B 184 13.27 14.56 -5.57
C GLY B 184 14.67 14.67 -4.97
N THR B 185 14.73 15.05 -3.70
CA THR B 185 16.01 15.15 -3.00
C THR B 185 16.65 13.78 -2.77
N GLN B 186 15.85 12.72 -2.80
CA GLN B 186 16.40 11.37 -2.62
C GLN B 186 16.79 10.65 -3.94
N TRP B 187 16.50 11.26 -5.10
CA TRP B 187 16.76 10.60 -6.37
C TRP B 187 18.21 10.13 -6.58
N ASP B 188 19.16 11.05 -6.51
CA ASP B 188 20.56 10.73 -6.78
C ASP B 188 21.06 9.57 -5.93
N ALA B 189 20.69 9.59 -4.65
CA ALA B 189 21.10 8.55 -3.71
C ALA B 189 20.58 7.16 -4.11
N LEU B 190 19.39 7.10 -4.70
CA LEU B 190 18.80 5.81 -5.02
C LEU B 190 18.80 5.50 -6.51
N SER B 191 19.36 6.39 -7.32
CA SER B 191 19.24 6.29 -8.78
C SER B 191 20.25 5.38 -9.48
N GLU B 192 21.30 4.97 -8.76
CA GLU B 192 22.41 4.22 -9.35
C GLU B 192 23.01 4.93 -10.57
N GLY B 193 23.11 6.24 -10.50
CA GLY B 193 23.77 7.00 -11.56
C GLY B 193 22.87 7.33 -12.73
N LYS B 194 21.60 6.97 -12.63
CA LYS B 194 20.68 7.28 -13.70
C LYS B 194 19.92 8.59 -13.47
N PRO B 195 19.73 9.38 -14.53
CA PRO B 195 19.09 10.69 -14.41
C PRO B 195 17.58 10.60 -14.20
N ALA B 196 17.02 11.58 -13.49
CA ALA B 196 15.60 11.57 -13.14
C ALA B 196 14.77 11.53 -14.40
N GLY B 197 13.78 10.65 -14.43
CA GLY B 197 12.93 10.53 -15.61
C GLY B 197 13.37 9.45 -16.60
N SER B 198 14.61 8.99 -16.52
CA SER B 198 15.07 7.97 -17.46
C SER B 198 14.63 6.59 -17.00
N THR B 199 14.13 6.51 -15.77
CA THR B 199 13.68 5.25 -15.17
C THR B 199 12.86 5.56 -13.92
N ILE B 200 12.08 4.59 -13.44
CA ILE B 200 11.39 4.80 -12.18
C ILE B 200 12.34 4.52 -11.02
N GLY B 201 13.39 3.76 -11.28
CA GLY B 201 14.41 3.46 -10.27
C GLY B 201 14.08 2.27 -9.39
N ARG B 202 15.01 1.90 -8.50
CA ARG B 202 14.76 0.81 -7.56
C ARG B 202 14.09 1.43 -6.35
N GLY B 203 12.79 1.65 -6.44
CA GLY B 203 12.05 2.28 -5.38
C GLY B 203 10.56 2.24 -5.69
N ARG B 204 9.77 2.65 -4.71
CA ARG B 204 8.34 2.63 -4.87
C ARG B 204 7.93 3.70 -5.86
N CYS B 205 7.02 3.35 -6.75
CA CYS B 205 6.37 4.31 -7.63
C CYS B 205 4.87 4.41 -7.34
N MET B 206 4.44 5.58 -6.86
CA MET B 206 3.02 5.85 -6.68
C MET B 206 2.41 6.36 -7.98
N VAL B 207 1.40 5.66 -8.45
CA VAL B 207 0.78 5.97 -9.72
C VAL B 207 -0.59 6.58 -9.48
N VAL B 208 -0.84 7.75 -10.08
CA VAL B 208 -2.16 8.36 -9.99
C VAL B 208 -2.64 8.77 -11.39
N ALA B 209 -3.91 8.50 -11.67
CA ALA B 209 -4.51 8.81 -12.99
C ALA B 209 -5.85 9.52 -12.89
N PRO B 210 -5.85 10.86 -13.03
CA PRO B 210 -7.17 11.48 -12.94
C PRO B 210 -7.95 11.38 -14.25
N GLY B 211 -9.10 12.03 -14.30
CA GLY B 211 -9.95 11.95 -15.47
C GLY B 211 -11.37 11.90 -14.99
N THR B 212 -12.11 10.91 -15.46
CA THR B 212 -13.49 10.70 -15.05
C THR B 212 -13.58 10.31 -13.59
N GLY B 213 -12.64 9.49 -13.14
CA GLY B 213 -12.42 9.26 -11.73
C GLY B 213 -10.96 9.55 -11.46
N VAL B 214 -10.46 9.15 -10.29
CA VAL B 214 -9.03 9.20 -10.05
C VAL B 214 -8.56 7.81 -9.62
N GLY B 215 -7.83 7.14 -10.50
CA GLY B 215 -7.31 5.82 -10.21
C GLY B 215 -5.94 5.89 -9.57
N SER B 216 -5.55 4.83 -8.87
CA SER B 216 -4.31 4.84 -8.12
C SER B 216 -3.84 3.41 -7.97
N SER B 217 -2.52 3.26 -7.90
CA SER B 217 -1.88 1.98 -7.70
C SER B 217 -0.45 2.24 -7.28
N LEU B 218 0.18 1.25 -6.67
CA LEU B 218 1.56 1.40 -6.20
C LEU B 218 2.45 0.33 -6.82
N ILE B 219 3.54 0.74 -7.47
CA ILE B 219 4.58 -0.23 -7.82
C ILE B 219 5.51 -0.34 -6.63
N HIS B 220 5.51 -1.49 -5.95
CA HIS B 220 6.38 -1.67 -4.78
C HIS B 220 7.64 -2.41 -5.19
N TYR B 221 8.80 -1.87 -4.81
CA TYR B 221 10.06 -2.53 -5.12
C TYR B 221 10.47 -3.49 -4.00
N VAL B 222 10.81 -4.73 -4.39
CA VAL B 222 11.22 -5.73 -3.41
C VAL B 222 12.72 -6.02 -3.53
N GLY B 223 13.50 -5.50 -2.57
CA GLY B 223 14.95 -5.69 -2.58
C GLY B 223 15.42 -7.13 -2.56
N VAL B 224 14.76 -7.98 -1.75
CA VAL B 224 15.10 -9.41 -1.67
C VAL B 224 15.19 -10.07 -3.02
N SER B 225 14.17 -9.85 -3.84
CA SER B 225 14.04 -10.55 -5.10
C SER B 225 14.47 -9.70 -6.29
N ASP B 226 14.88 -8.47 -6.03
CA ASP B 226 15.15 -7.47 -7.08
C ASP B 226 14.02 -7.47 -8.11
N SER B 227 12.81 -7.32 -7.62
CA SER B 227 11.63 -7.34 -8.47
C SER B 227 10.59 -6.36 -7.95
N TYR B 228 9.47 -6.26 -8.66
CA TYR B 228 8.41 -5.34 -8.29
C TYR B 228 7.10 -6.09 -8.20
N ILE B 229 6.17 -5.54 -7.41
CA ILE B 229 4.79 -6.02 -7.42
C ILE B 229 3.93 -4.77 -7.38
N VAL B 230 2.82 -4.79 -8.09
CA VAL B 230 1.89 -3.67 -8.10
C VAL B 230 0.74 -3.97 -7.16
N LEU B 231 0.38 -3.01 -6.33
CA LEU B 231 -0.84 -3.14 -5.53
C LEU B 231 -1.90 -2.21 -6.05
N ALA B 232 -3.09 -2.74 -6.32
CA ALA B 232 -4.21 -1.88 -6.72
C ALA B 232 -4.54 -1.04 -5.49
N LEU B 233 -5.05 0.16 -5.69
CA LEU B 233 -5.42 1.02 -4.55
C LEU B 233 -6.69 1.80 -4.83
N GLU B 234 -7.26 2.37 -3.77
CA GLU B 234 -8.39 3.28 -3.89
C GLU B 234 -8.10 4.61 -3.21
N CYS B 235 -6.93 5.18 -3.47
CA CYS B 235 -6.56 6.43 -2.81
C CYS B 235 -7.44 7.60 -3.20
N GLY B 236 -8.07 7.50 -4.36
CA GLY B 236 -9.01 8.55 -4.77
C GLY B 236 -10.20 8.66 -3.83
N SER B 237 -10.43 7.61 -3.05
CA SER B 237 -11.58 7.56 -2.16
C SER B 237 -11.21 7.89 -0.72
N LEU B 238 -9.94 8.25 -0.48
CA LEU B 238 -9.53 8.82 0.80
C LEU B 238 -10.28 10.14 0.99
N SER B 239 -10.73 10.43 2.22
CA SER B 239 -11.40 11.72 2.48
C SER B 239 -10.42 12.87 2.27
N MET B 240 -10.90 14.02 1.80
CA MET B 240 -10.01 15.17 1.68
C MET B 240 -9.45 15.54 3.04
N SER B 241 -8.26 16.12 3.05
CA SER B 241 -7.62 16.48 4.31
C SER B 241 -8.30 17.67 4.97
N TRP B 242 -8.22 17.72 6.30
CA TRP B 242 -8.68 18.89 7.06
C TRP B 242 -7.91 20.15 6.67
N CYS B 243 -8.62 21.26 6.64
CA CYS B 243 -8.00 22.55 6.33
C CYS B 243 -8.90 23.60 6.93
N ALA B 244 -8.46 24.85 6.88
CA ALA B 244 -9.23 25.94 7.48
C ALA B 244 -9.46 27.06 6.48
N ASN B 245 -10.04 28.14 6.97
CA ASN B 245 -10.20 29.36 6.18
C ASN B 245 -10.86 29.14 4.81
N GLU B 246 -10.33 29.73 3.75
CA GLU B 246 -10.97 29.66 2.43
C GLU B 246 -10.97 28.23 1.86
N ASP B 247 -9.90 27.49 2.15
CA ASP B 247 -9.81 26.10 1.72
C ASP B 247 -10.93 25.25 2.31
N SER B 248 -11.21 25.42 3.60
CA SER B 248 -12.31 24.69 4.26
C SER B 248 -13.67 25.10 3.70
N LYS B 249 -13.78 26.37 3.29
CA LYS B 249 -14.97 26.87 2.61
C LYS B 249 -15.25 26.11 1.31
N TYR B 250 -14.19 25.84 0.54
CA TYR B 250 -14.33 25.06 -0.68
C TYR B 250 -14.68 23.60 -0.39
N VAL B 251 -13.99 23.00 0.58
CA VAL B 251 -14.28 21.60 0.93
C VAL B 251 -15.74 21.46 1.36
N GLN B 252 -16.23 22.44 2.13
CA GLN B 252 -17.61 22.43 2.61
C GLN B 252 -18.62 22.56 1.46
N ALA B 253 -18.31 23.44 0.51
CA ALA B 253 -19.15 23.64 -0.67
C ALA B 253 -19.16 22.35 -1.50
N LEU B 254 -17.98 21.79 -1.74
CA LEU B 254 -17.87 20.51 -2.46
C LEU B 254 -18.63 19.40 -1.74
N ALA B 255 -18.48 19.34 -0.41
CA ALA B 255 -19.20 18.33 0.36
C ALA B 255 -20.72 18.41 0.16
N GLY B 256 -21.26 19.62 0.19
CA GLY B 256 -22.69 19.80 -0.01
C GLY B 256 -23.08 19.45 -1.42
N TYR B 257 -22.21 19.81 -2.37
CA TYR B 257 -22.47 19.53 -3.77
C TYR B 257 -22.52 18.00 -4.02
N MET B 258 -21.58 17.27 -3.43
CA MET B 258 -21.61 15.81 -3.53
C MET B 258 -22.83 15.21 -2.79
N ALA B 259 -23.31 15.88 -1.75
CA ALA B 259 -24.47 15.40 -1.01
C ALA B 259 -25.76 15.54 -1.82
N SER B 260 -25.72 16.36 -2.86
CA SER B 260 -26.76 16.38 -3.88
C SER B 260 -26.63 15.13 -4.74
N LYS B 265 -27.48 6.40 -0.30
CA LYS B 265 -26.48 7.34 0.19
C LYS B 265 -27.02 8.39 1.19
N GLY B 266 -26.35 8.50 2.32
CA GLY B 266 -26.66 9.56 3.27
C GLY B 266 -25.45 10.44 3.44
N LEU B 267 -25.48 11.65 2.87
CA LEU B 267 -24.38 12.60 2.97
C LEU B 267 -24.90 13.98 3.35
N ASP B 268 -24.07 14.76 4.05
CA ASP B 268 -24.37 16.12 4.49
C ASP B 268 -23.22 16.96 4.01
N SER B 269 -23.32 18.27 4.19
CA SER B 269 -22.15 19.10 3.98
C SER B 269 -21.17 18.93 5.14
N THR B 270 -21.54 18.19 6.18
CA THR B 270 -20.58 17.84 7.25
C THR B 270 -19.77 16.55 6.98
N VAL B 271 -20.09 15.84 5.89
CA VAL B 271 -19.34 14.64 5.54
C VAL B 271 -18.25 14.98 4.51
N ALA B 272 -17.00 14.74 4.89
CA ALA B 272 -15.86 15.04 4.00
C ALA B 272 -16.01 14.40 2.62
N PRO B 273 -15.84 15.20 1.56
CA PRO B 273 -15.82 14.64 0.21
C PRO B 273 -14.54 13.85 -0.01
N ILE B 274 -14.53 12.91 -0.96
CA ILE B 274 -13.32 12.15 -1.25
C ILE B 274 -12.42 12.95 -2.19
N TRP B 275 -11.11 12.72 -2.14
CA TRP B 275 -10.17 13.47 -2.99
C TRP B 275 -10.53 13.47 -4.47
N GLU B 276 -10.97 12.31 -4.96
CA GLU B 276 -11.44 12.13 -6.34
C GLU B 276 -12.40 13.24 -6.76
N ALA B 277 -13.30 13.59 -5.84
CA ALA B 277 -14.32 14.60 -6.10
C ALA B 277 -13.74 15.99 -6.40
N ALA B 278 -12.52 16.25 -5.95
CA ALA B 278 -11.94 17.58 -6.17
C ALA B 278 -10.86 17.57 -7.24
N SER B 279 -10.70 16.43 -7.94
CA SER B 279 -9.60 16.28 -8.86
C SER B 279 -10.02 15.59 -10.15
N ASN B 280 -11.32 15.34 -10.29
CA ASN B 280 -11.83 14.66 -11.49
C ASN B 280 -12.57 15.61 -12.42
N GLY B 281 -13.16 15.06 -13.49
CA GLY B 281 -13.93 15.88 -14.42
C GLY B 281 -15.07 16.60 -13.72
N ALA B 282 -15.82 15.85 -12.93
CA ALA B 282 -16.94 16.41 -12.17
C ALA B 282 -16.51 17.56 -11.28
N GLY B 283 -15.41 17.38 -10.56
CA GLY B 283 -14.90 18.43 -9.69
C GLY B 283 -14.44 19.67 -10.45
N LEU B 284 -13.87 19.45 -11.64
CA LEU B 284 -13.50 20.57 -12.50
C LEU B 284 -14.73 21.38 -12.88
N GLU B 285 -15.82 20.69 -13.18
CA GLU B 285 -17.05 21.37 -13.52
C GLU B 285 -17.55 22.13 -12.31
N PHE B 286 -17.49 21.50 -11.14
CA PHE B 286 -17.84 22.24 -9.92
C PHE B 286 -16.96 23.46 -9.72
N ASN B 287 -15.65 23.27 -9.89
CA ASN B 287 -14.69 24.35 -9.64
C ASN B 287 -14.96 25.62 -10.45
N TYR B 288 -15.44 25.45 -11.67
CA TYR B 288 -15.76 26.60 -12.53
C TYR B 288 -16.97 27.33 -11.98
N ALA B 289 -18.00 26.58 -11.59
CA ALA B 289 -19.19 27.17 -11.02
C ALA B 289 -18.78 27.92 -9.75
N TYR B 290 -17.94 27.28 -8.95
CA TYR B 290 -17.46 27.85 -7.69
C TYR B 290 -16.72 29.17 -7.89
N ALA B 291 -15.85 29.22 -8.88
CA ALA B 291 -15.09 30.42 -9.19
C ALA B 291 -16.00 31.55 -9.73
N LYS B 292 -16.93 31.19 -10.60
CA LYS B 292 -17.79 32.20 -11.22
C LYS B 292 -18.94 32.68 -10.32
N GLU B 293 -19.64 31.75 -9.69
CA GLU B 293 -20.77 32.09 -8.86
C GLU B 293 -20.28 32.40 -7.46
N GLY B 294 -19.58 31.43 -6.88
CA GLY B 294 -19.01 31.62 -5.57
C GLY B 294 -19.77 30.94 -4.46
N GLN B 295 -19.26 29.79 -4.03
CA GLN B 295 -19.59 29.29 -2.71
C GLN B 295 -21.04 28.79 -2.58
N LYS B 296 -21.99 29.55 -3.13
CA LYS B 296 -23.36 29.08 -3.27
C LYS B 296 -23.57 28.35 -4.60
N ALA B 297 -22.48 28.15 -5.34
CA ALA B 297 -22.52 27.36 -6.56
C ALA B 297 -23.12 26.00 -6.27
N SER B 298 -24.03 25.55 -7.14
CA SER B 298 -24.70 24.27 -6.94
C SER B 298 -24.85 23.43 -8.21
N ALA B 299 -24.24 23.87 -9.30
CA ALA B 299 -24.46 23.27 -10.61
C ALA B 299 -23.34 23.61 -11.60
N PRO B 300 -22.96 22.67 -12.49
CA PRO B 300 -21.80 22.67 -13.40
C PRO B 300 -21.51 23.90 -14.33
N LEU B 301 -22.54 24.50 -14.92
CA LEU B 301 -22.42 25.63 -15.88
C LEU B 301 -21.71 25.31 -17.22
N LYS B 302 -20.57 24.64 -17.15
CA LYS B 302 -19.79 24.24 -18.32
C LYS B 302 -19.19 22.86 -18.07
N SER B 303 -18.97 22.10 -19.12
CA SER B 303 -18.45 20.74 -18.95
C SER B 303 -16.92 20.75 -18.91
N ALA B 304 -16.33 19.70 -18.35
CA ALA B 304 -14.88 19.64 -18.13
C ALA B 304 -13.99 20.06 -19.31
N PRO B 305 -14.28 19.56 -20.53
CA PRO B 305 -13.36 19.89 -21.61
C PRO B 305 -13.41 21.37 -22.03
N GLU B 306 -14.57 22.01 -21.96
CA GLU B 306 -14.67 23.44 -22.28
C GLU B 306 -13.90 24.27 -21.28
N VAL B 307 -14.04 23.89 -20.02
CA VAL B 307 -13.34 24.55 -18.93
C VAL B 307 -11.84 24.51 -19.18
N ALA B 308 -11.34 23.31 -19.51
CA ALA B 308 -9.92 23.13 -19.80
C ALA B 308 -9.48 23.91 -21.04
N LYS B 309 -10.33 23.94 -22.06
CA LYS B 309 -10.07 24.70 -23.28
C LYS B 309 -9.98 26.20 -22.97
N LEU B 310 -10.98 26.71 -22.25
CA LEU B 310 -10.99 28.09 -21.81
C LEU B 310 -9.77 28.42 -20.94
N ALA B 311 -9.32 27.46 -20.14
CA ALA B 311 -8.17 27.69 -19.29
C ALA B 311 -6.90 27.76 -20.11
N LYS B 312 -6.82 26.90 -21.13
CA LYS B 312 -5.66 26.84 -21.99
C LYS B 312 -5.52 28.13 -22.82
N SER B 313 -6.67 28.69 -23.23
CA SER B 313 -6.71 29.97 -23.93
C SER B 313 -6.27 31.08 -23.00
N GLY B 314 -6.66 30.99 -21.74
CA GLY B 314 -6.47 32.06 -20.80
C GLY B 314 -7.54 33.13 -21.03
N SER B 315 -8.63 32.73 -21.67
CA SER B 315 -9.70 33.67 -22.00
C SER B 315 -10.80 33.73 -20.94
N ASP B 316 -10.71 32.88 -19.91
CA ASP B 316 -11.71 32.85 -18.85
C ASP B 316 -10.98 32.68 -17.51
N THR B 317 -10.98 33.72 -16.68
CA THR B 317 -10.23 33.70 -15.42
C THR B 317 -10.75 32.65 -14.45
N ALA B 318 -12.07 32.45 -14.45
CA ALA B 318 -12.69 31.43 -13.62
C ALA B 318 -12.29 30.03 -14.08
N ALA B 319 -12.12 29.84 -15.38
CA ALA B 319 -11.69 28.55 -15.92
C ALA B 319 -10.22 28.27 -15.61
N ILE B 320 -9.40 29.32 -15.63
CA ILE B 320 -8.02 29.26 -15.21
C ILE B 320 -7.98 28.89 -13.73
N ALA B 321 -8.84 29.53 -12.95
CA ALA B 321 -8.91 29.31 -11.51
C ALA B 321 -9.42 27.90 -11.16
N ALA B 322 -10.35 27.39 -11.96
CA ALA B 322 -10.94 26.07 -11.71
C ALA B 322 -9.92 24.98 -11.99
N VAL B 323 -9.15 25.16 -13.06
CA VAL B 323 -8.12 24.20 -13.42
C VAL B 323 -6.94 24.27 -12.43
N ASP B 324 -6.59 25.46 -11.98
CA ASP B 324 -5.56 25.59 -10.96
C ASP B 324 -5.96 24.88 -9.66
N ARG B 325 -7.20 25.07 -9.23
CA ARG B 325 -7.68 24.41 -8.01
C ARG B 325 -7.68 22.90 -8.17
N LEU B 326 -8.08 22.43 -9.36
CA LEU B 326 -8.18 20.99 -9.63
C LEU B 326 -6.86 20.27 -9.45
N TYR B 327 -5.81 20.82 -10.03
CA TYR B 327 -4.51 20.18 -9.95
C TYR B 327 -3.79 20.45 -8.63
N LYS B 328 -4.12 21.55 -7.95
CA LYS B 328 -3.59 21.75 -6.60
C LYS B 328 -4.18 20.70 -5.67
N ASN B 329 -5.45 20.34 -5.89
CA ASN B 329 -6.06 19.30 -5.09
C ASN B 329 -5.62 17.90 -5.50
N LEU B 330 -5.40 17.66 -6.79
CA LEU B 330 -4.77 16.40 -7.17
C LEU B 330 -3.44 16.25 -6.43
N ILE B 331 -2.67 17.32 -6.38
CA ILE B 331 -1.40 17.31 -5.67
C ILE B 331 -1.64 17.14 -4.17
N GLY B 332 -2.71 17.75 -3.65
CA GLY B 332 -3.03 17.57 -2.24
C GLY B 332 -3.23 16.10 -1.92
N LEU B 333 -3.90 15.39 -2.84
CA LEU B 333 -4.07 13.94 -2.71
C LEU B 333 -2.68 13.29 -2.73
N THR B 334 -1.84 13.71 -3.66
CA THR B 334 -0.52 13.09 -3.75
C THR B 334 0.37 13.42 -2.56
N ALA B 335 0.08 14.46 -1.81
CA ALA B 335 0.86 14.73 -0.61
C ALA B 335 0.62 13.62 0.42
N GLU B 336 -0.64 13.24 0.58
CA GLU B 336 -0.98 12.15 1.47
C GLU B 336 -0.46 10.80 1.00
N THR B 337 -0.52 10.55 -0.31
CA THR B 337 0.00 9.27 -0.79
C THR B 337 1.52 9.26 -0.73
N THR B 338 2.12 10.44 -0.97
CA THR B 338 3.57 10.52 -0.91
C THR B 338 4.05 10.26 0.52
N MET B 339 3.39 10.85 1.50
CA MET B 339 3.76 10.58 2.90
C MET B 339 3.53 9.11 3.26
N GLN B 340 2.36 8.58 2.92
CA GLN B 340 2.02 7.22 3.39
C GLN B 340 2.97 6.17 2.85
N PHE B 341 3.33 6.30 1.57
CA PHE B 341 4.13 5.29 0.91
C PHE B 341 5.59 5.69 0.78
N LEU B 342 5.90 6.95 1.11
CA LEU B 342 7.26 7.49 0.89
C LEU B 342 7.93 6.98 -0.40
N PRO B 343 7.31 7.23 -1.58
CA PRO B 343 7.84 6.63 -2.81
C PRO B 343 9.09 7.34 -3.38
N LEU B 344 9.89 6.62 -4.16
CA LEU B 344 11.00 7.25 -4.88
C LEU B 344 10.44 8.13 -5.99
N THR B 345 9.37 7.67 -6.61
CA THR B 345 8.71 8.42 -7.68
C THR B 345 7.20 8.45 -7.53
N CYS B 346 6.60 9.50 -8.08
CA CYS B 346 5.18 9.58 -8.23
C CYS B 346 4.88 9.95 -9.68
N VAL B 347 4.03 9.17 -10.32
CA VAL B 347 3.72 9.35 -11.72
C VAL B 347 2.27 9.79 -11.86
N LEU B 348 2.06 10.90 -12.56
CA LEU B 348 0.74 11.40 -12.85
C LEU B 348 0.50 10.99 -14.30
N MET B 349 -0.58 10.27 -14.58
CA MET B 349 -0.74 9.78 -15.94
C MET B 349 -2.19 9.63 -16.39
N GLY B 350 -2.36 9.14 -17.61
CA GLY B 350 -3.69 8.96 -18.15
C GLY B 350 -3.99 10.01 -19.21
N ASP B 351 -5.01 9.74 -20.03
CA ASP B 351 -5.38 10.63 -21.13
C ASP B 351 -5.61 12.08 -20.71
N ASN B 352 -6.19 12.29 -19.54
CA ASN B 352 -6.50 13.64 -19.07
C ASN B 352 -5.23 14.46 -18.77
N VAL B 353 -4.26 13.83 -18.12
CA VAL B 353 -2.98 14.46 -17.83
C VAL B 353 -2.28 14.83 -19.14
N VAL B 354 -2.36 13.93 -20.11
CA VAL B 354 -1.77 14.16 -21.42
C VAL B 354 -2.49 15.30 -22.14
N ALA B 355 -3.81 15.26 -22.12
CA ALA B 355 -4.62 16.26 -22.81
C ALA B 355 -4.43 17.64 -22.19
N ASN B 356 -4.27 17.71 -20.87
CA ASN B 356 -4.05 18.99 -20.21
C ASN B 356 -2.56 19.31 -20.02
N SER B 357 -1.74 18.81 -20.94
CA SER B 357 -0.31 19.13 -20.94
C SER B 357 -0.01 20.62 -20.77
N PHE B 358 -0.85 21.46 -21.38
CA PHE B 358 -0.66 22.91 -21.34
C PHE B 358 -0.46 23.44 -19.92
N TYR B 359 -1.18 22.88 -18.96
CA TYR B 359 -1.06 23.33 -17.58
C TYR B 359 0.32 23.05 -17.01
N PHE B 360 0.83 21.85 -17.30
CA PHE B 360 2.04 21.36 -16.65
C PHE B 360 3.28 21.86 -17.39
N GLU B 361 3.05 22.39 -18.58
CA GLU B 361 4.12 22.90 -19.41
C GLU B 361 4.65 24.25 -18.94
N LYS B 362 3.89 24.92 -18.09
CA LYS B 362 4.28 26.21 -17.55
C LYS B 362 4.97 26.02 -16.21
N PRO B 363 6.27 26.37 -16.15
CA PRO B 363 7.10 26.30 -14.94
C PRO B 363 6.43 26.93 -13.73
N GLU B 364 5.78 28.08 -13.95
CA GLU B 364 5.08 28.80 -12.90
C GLU B 364 4.00 27.93 -12.23
N ASN B 365 3.27 27.17 -13.03
CA ASN B 365 2.31 26.20 -12.52
C ASN B 365 2.96 25.03 -11.78
N VAL B 366 4.01 24.45 -12.36
CA VAL B 366 4.70 23.31 -11.74
C VAL B 366 5.26 23.68 -10.36
N LYS B 367 5.75 24.90 -10.22
CA LYS B 367 6.26 25.36 -8.93
C LYS B 367 5.13 25.64 -7.94
N ARG B 368 3.99 26.08 -8.47
CA ARG B 368 2.79 26.24 -7.67
C ARG B 368 2.37 24.87 -7.11
N LEU B 369 2.31 23.87 -7.99
CA LEU B 369 1.99 22.51 -7.56
C LEU B 369 2.94 22.02 -6.49
N GLN B 370 4.25 22.23 -6.71
CA GLN B 370 5.27 21.73 -5.78
C GLN B 370 5.15 22.42 -4.42
N ALA B 371 4.82 23.70 -4.43
CA ALA B 371 4.63 24.45 -3.19
C ALA B 371 3.42 23.88 -2.44
N ARG B 372 2.35 23.59 -3.19
CA ARG B 372 1.17 22.96 -2.62
C ARG B 372 1.52 21.63 -1.96
N LEU B 373 2.33 20.83 -2.64
CA LEU B 373 2.80 19.58 -2.07
C LEU B 373 3.49 19.82 -0.74
N HIS B 374 4.28 20.89 -0.69
CA HIS B 374 5.13 21.13 0.46
C HIS B 374 4.38 21.70 1.66
N GLU B 375 3.08 21.97 1.50
CA GLU B 375 2.26 22.47 2.60
C GLU B 375 1.97 21.40 3.64
N HIS B 376 2.16 20.13 3.27
CA HIS B 376 1.85 19.04 4.19
C HIS B 376 2.63 19.20 5.49
N ALA B 377 2.01 18.86 6.61
CA ALA B 377 2.68 19.00 7.91
C ALA B 377 4.00 18.25 7.96
N MET B 378 4.07 17.15 7.22
CA MET B 378 5.26 16.32 7.32
C MET B 378 6.40 16.81 6.42
N GLU B 379 6.06 17.67 5.46
CA GLU B 379 7.10 18.33 4.69
C GLU B 379 7.66 19.49 5.50
N ARG B 380 6.75 20.33 5.98
CA ARG B 380 7.10 21.52 6.74
C ARG B 380 8.05 21.14 7.86
N GLN B 381 7.75 20.04 8.53
CA GLN B 381 8.54 19.60 9.68
C GLN B 381 9.81 18.82 9.34
N PHE B 382 9.70 17.84 8.44
CA PHE B 382 10.78 16.87 8.22
C PHE B 382 11.21 16.64 6.77
N LYS B 383 10.61 17.37 5.84
CA LYS B 383 10.99 17.30 4.43
C LYS B 383 10.81 15.92 3.78
N PHE B 384 9.86 15.13 4.29
CA PHE B 384 9.58 13.78 3.78
C PHE B 384 9.12 13.79 2.33
N LEU B 385 8.26 14.74 2.02
CA LEU B 385 7.59 14.79 0.71
C LEU B 385 8.51 15.22 -0.44
N SER B 386 9.47 16.11 -0.15
CA SER B 386 10.37 16.60 -1.19
C SER B 386 11.38 15.56 -1.66
N ARG B 387 11.46 14.41 -0.97
CA ARG B 387 12.36 13.33 -1.38
C ARG B 387 11.97 12.73 -2.73
N THR B 388 10.68 12.79 -3.02
CA THR B 388 10.09 12.05 -4.13
C THR B 388 10.20 12.79 -5.45
N THR B 389 10.49 12.04 -6.53
CA THR B 389 10.51 12.61 -7.87
C THR B 389 9.15 12.45 -8.56
N PHE B 390 8.59 13.57 -9.04
CA PHE B 390 7.30 13.57 -9.71
C PHE B 390 7.48 13.62 -11.22
N LEU B 391 6.79 12.70 -11.90
CA LEU B 391 6.80 12.60 -13.35
C LEU B 391 5.38 12.75 -13.90
N ARG B 392 5.24 13.12 -15.16
CA ARG B 392 3.93 13.20 -15.77
C ARG B 392 3.93 12.57 -17.15
N GLN B 393 2.80 11.99 -17.56
CA GLN B 393 2.70 11.41 -18.89
C GLN B 393 2.58 12.53 -19.93
N VAL B 394 3.33 12.42 -21.01
CA VAL B 394 3.29 13.45 -22.05
C VAL B 394 2.82 12.87 -23.37
N SER B 395 2.91 11.55 -23.52
CA SER B 395 2.47 10.93 -24.77
C SER B 395 1.62 9.69 -24.54
N SER B 396 0.56 9.57 -25.34
CA SER B 396 -0.34 8.44 -25.26
C SER B 396 0.35 7.12 -25.60
N VAL B 397 -0.10 6.06 -24.95
CA VAL B 397 0.38 4.70 -25.19
C VAL B 397 -0.63 3.71 -24.60
N ASN B 398 -0.67 2.51 -25.15
CA ASN B 398 -1.58 1.47 -24.68
C ASN B 398 -1.00 0.87 -23.41
N ILE B 399 -1.05 1.65 -22.34
CA ILE B 399 -0.33 1.33 -21.11
C ILE B 399 -0.94 0.13 -20.38
N ASN B 400 -2.24 -0.11 -20.56
CA ASN B 400 -2.83 -1.26 -19.90
C ASN B 400 -2.41 -2.59 -20.54
N LEU B 401 -2.34 -2.61 -21.87
CA LEU B 401 -1.87 -3.83 -22.54
C LEU B 401 -0.39 -4.04 -22.27
N LEU B 402 0.36 -2.94 -22.21
CA LEU B 402 1.78 -3.04 -21.88
C LEU B 402 1.91 -3.62 -20.48
N GLY B 403 0.99 -3.24 -19.61
CA GLY B 403 0.98 -3.75 -18.23
C GLY B 403 0.73 -5.25 -18.11
N CYS B 404 0.02 -5.84 -19.08
CA CYS B 404 -0.14 -7.29 -19.03
C CYS B 404 1.23 -7.95 -19.26
N LEU B 405 2.05 -7.33 -20.10
CA LEU B 405 3.46 -7.77 -20.24
C LEU B 405 4.28 -7.49 -18.99
N GLY B 406 4.15 -6.27 -18.46
CA GLY B 406 4.83 -5.91 -17.23
C GLY B 406 4.58 -6.94 -16.14
N PHE B 407 3.32 -7.31 -15.99
CA PHE B 407 2.91 -8.35 -15.07
C PHE B 407 3.68 -9.66 -15.32
N GLY B 408 3.66 -10.19 -16.54
CA GLY B 408 4.39 -11.41 -16.85
C GLY B 408 5.87 -11.32 -16.51
N SER B 409 6.44 -10.13 -16.73
CA SER B 409 7.88 -9.94 -16.59
C SER B 409 8.32 -10.04 -15.14
N GLN B 410 7.39 -9.84 -14.21
CA GLN B 410 7.74 -9.87 -12.79
C GLN B 410 7.50 -11.19 -12.09
N LEU B 411 7.03 -12.19 -12.83
CA LEU B 411 6.70 -13.48 -12.23
C LEU B 411 7.94 -14.20 -11.73
N SER B 412 7.80 -14.87 -10.59
CA SER B 412 8.91 -15.64 -10.00
C SER B 412 9.08 -16.97 -10.74
#